data_6E6B
#
_entry.id   6E6B
#
_cell.length_a   127.730
_cell.length_b   87.580
_cell.length_c   149.330
_cell.angle_alpha   90.000
_cell.angle_beta   109.940
_cell.angle_gamma   90.000
#
_symmetry.space_group_name_H-M   'P 1 21 1'
#
loop_
_entity.id
_entity.type
_entity.pdbx_description
1 polymer 'Protocadherin gamma B4'
2 branched 2-acetamido-2-deoxy-beta-D-glucopyranose-(1-4)-2-acetamido-2-deoxy-beta-D-glucopyranose
3 branched alpha-D-mannopyranose-(1-3)-[alpha-D-mannopyranose-(1-6)]beta-D-mannopyranose-(1-4)-2-acetamido-2-deoxy-beta-D-glucopyranose-(1-4)-[alpha-L-fucopyranose-(1-6)]2-acetamido-2-deoxy-beta-D-glucopyranose
4 branched 2-acetamido-2-deoxy-beta-D-glucopyranose-(1-4)-[alpha-L-fucopyranose-(1-6)]2-acetamido-2-deoxy-beta-D-glucopyranose
5 non-polymer 'CALCIUM ION'
6 non-polymer alpha-D-mannopyranose
7 non-polymer 2-acetamido-2-deoxy-beta-D-glucopyranose
#
_entity_poly.entity_id   1
_entity_poly.type   'polypeptide(L)'
_entity_poly.pdbx_seq_one_letter_code
;EQIRYKIPEEMPTGSVVGNLAKDLGFSVQELPTRKLRISSEKPYFSVSSESGELLVSSRLDREQICGKKLMCALEFEAVA
ENPLNFYHLSVELEDINDHTPKFAHTSFELQISESSKPGTRFILGSAHDADIGTNSLQNYQLSPNDHFSLVNKEKSDGSK
YPEMILKTALDREKQKLYHLTLTALDFGHPPLNSTAQIQVLVTDANDNPPVFSQDIYRVSLPENVYPGTTVLRVVATDQD
EGVNSEITFSFSEAGQVTQFNLDSNTGEITTLHTLDFEEVKEYSLVLEAKDGGGMIAQCTVEIEVLDENDNVPEVLFQSL
PDLIMEDAEPGTYIALLKTRDKDSGRNGEVICKLEGGAPFKILTSSGNTYKLVTDGVLDREQNPEYNITIRATDKGDPPL
SSSSSVTLHIGDVNDNAPVFTKVSYLVHVAENNPPGASIAQVSASDPDLGANGQVTYYIIASDLEPESLWSYVTINAQSG
VLFAQRAFDHEQLRSFQLTLQARDHGSPTLSANVSMRLLVGDRNDNAPRVLYPTLEPDGSALFDMVPRSAEPGYLVTKVV
AVDADSGHNAWLSYHVLQASDPGLFSLGLRTGEVRTARALGDRDSARQRLLVAVRDGGQPPLSATATLHLIFADSLQEHH
HHHHHH
;
_entity_poly.pdbx_strand_id   A,B
#
# COMPACT_ATOMS: atom_id res chain seq x y z
N GLN A 2 92.11 103.16 3.13
CA GLN A 2 90.98 103.10 2.22
C GLN A 2 89.75 103.81 2.80
N ILE A 3 88.69 103.90 2.00
CA ILE A 3 87.44 104.53 2.41
C ILE A 3 86.32 103.53 2.21
N ARG A 4 85.28 103.63 3.03
CA ARG A 4 84.18 102.67 3.02
C ARG A 4 82.84 103.38 2.89
N TYR A 5 81.96 102.80 2.08
CA TYR A 5 80.59 103.25 1.91
C TYR A 5 79.64 102.08 2.20
N LYS A 6 78.40 102.41 2.54
CA LYS A 6 77.39 101.42 2.85
C LYS A 6 76.12 101.70 2.04
N ILE A 7 75.71 100.73 1.24
CA ILE A 7 74.48 100.83 0.45
C ILE A 7 73.77 99.48 0.46
N PRO A 8 72.48 99.46 0.17
CA PRO A 8 71.77 98.19 0.03
C PRO A 8 71.99 97.56 -1.33
N GLU A 9 71.94 96.23 -1.37
CA GLU A 9 72.05 95.50 -2.62
C GLU A 9 70.78 95.69 -3.44
N GLU A 10 70.77 95.10 -4.64
CA GLU A 10 69.68 95.26 -5.61
C GLU A 10 69.45 96.73 -5.95
N MET A 11 70.51 97.53 -5.87
CA MET A 11 70.39 98.95 -6.12
C MET A 11 70.21 99.22 -7.61
N PRO A 12 69.31 100.13 -7.99
CA PRO A 12 69.15 100.46 -9.41
C PRO A 12 70.42 101.09 -9.98
N THR A 13 70.59 100.94 -11.29
CA THR A 13 71.77 101.48 -11.95
C THR A 13 71.73 103.00 -11.98
N GLY A 14 72.92 103.60 -11.99
CA GLY A 14 73.01 105.05 -11.99
C GLY A 14 72.66 105.71 -10.67
N SER A 15 72.83 104.99 -9.56
CA SER A 15 72.52 105.53 -8.23
C SER A 15 73.80 105.96 -7.53
N VAL A 16 73.74 107.09 -6.85
CA VAL A 16 74.90 107.68 -6.21
C VAL A 16 75.22 106.90 -4.94
N VAL A 17 76.40 106.27 -4.92
CA VAL A 17 76.88 105.63 -3.70
C VAL A 17 77.56 106.65 -2.79
N GLY A 18 78.16 107.70 -3.38
CA GLY A 18 78.86 108.72 -2.62
C GLY A 18 79.82 109.50 -3.47
N ASN A 19 80.10 110.74 -3.08
CA ASN A 19 81.02 111.60 -3.82
C ASN A 19 82.44 111.32 -3.37
N LEU A 20 83.26 110.78 -4.27
CA LEU A 20 84.66 110.50 -3.95
C LEU A 20 85.52 111.75 -3.98
N ALA A 21 85.07 112.81 -4.65
CA ALA A 21 85.84 114.04 -4.68
C ALA A 21 85.98 114.66 -3.30
N LYS A 22 84.91 114.57 -2.48
CA LYS A 22 84.95 115.17 -1.16
C LYS A 22 85.76 114.34 -0.17
N ASP A 23 85.81 113.02 -0.37
CA ASP A 23 86.57 112.15 0.51
C ASP A 23 88.04 112.01 0.09
N LEU A 24 88.36 112.32 -1.16
CA LEU A 24 89.72 112.22 -1.67
C LEU A 24 90.39 113.58 -1.88
N GLY A 25 89.65 114.69 -1.75
CA GLY A 25 90.25 115.99 -1.86
C GLY A 25 90.68 116.38 -3.27
N PHE A 26 89.74 116.32 -4.21
CA PHE A 26 89.99 116.70 -5.60
C PHE A 26 88.96 117.75 -5.99
N SER A 27 89.44 118.87 -6.52
CA SER A 27 88.56 119.97 -6.86
C SER A 27 87.67 119.63 -8.07
N VAL A 28 86.65 120.46 -8.28
CA VAL A 28 85.75 120.25 -9.40
C VAL A 28 86.43 120.57 -10.73
N GLN A 29 87.47 121.40 -10.72
CA GLN A 29 88.27 121.65 -11.91
C GLN A 29 89.51 120.78 -11.97
N GLU A 30 90.05 120.35 -10.83
CA GLU A 30 91.15 119.40 -10.80
C GLU A 30 90.72 118.01 -11.26
N LEU A 31 89.41 117.73 -11.25
CA LEU A 31 88.89 116.40 -11.54
C LEU A 31 88.92 116.08 -13.04
N PRO A 32 88.42 116.95 -13.93
CA PRO A 32 88.45 116.60 -15.36
C PRO A 32 89.85 116.41 -15.92
N THR A 33 90.87 116.99 -15.27
CA THR A 33 92.24 116.76 -15.73
C THR A 33 92.67 115.32 -15.49
N ARG A 34 92.32 114.76 -14.33
CA ARG A 34 92.67 113.39 -14.00
C ARG A 34 91.58 112.43 -14.48
N LYS A 35 91.99 111.39 -15.21
CA LYS A 35 91.04 110.41 -15.74
C LYS A 35 90.67 109.44 -14.63
N LEU A 36 89.62 109.79 -13.88
CA LEU A 36 89.13 108.93 -12.81
C LEU A 36 88.52 107.68 -13.43
N ARG A 37 89.07 106.50 -13.11
CA ARG A 37 88.53 105.26 -13.63
C ARG A 37 88.54 104.19 -12.54
N ILE A 38 87.40 103.54 -12.35
CA ILE A 38 87.31 102.43 -11.42
C ILE A 38 87.93 101.20 -12.06
N SER A 39 88.84 100.56 -11.33
CA SER A 39 89.53 99.37 -11.79
C SER A 39 89.10 98.20 -10.92
N SER A 40 88.51 97.20 -11.57
CA SER A 40 88.05 95.97 -10.93
C SER A 40 87.95 94.89 -11.99
N GLU A 41 87.91 93.64 -11.54
CA GLU A 41 87.77 92.52 -12.47
C GLU A 41 86.43 92.57 -13.19
N LYS A 42 85.35 92.82 -12.46
CA LYS A 42 84.03 92.99 -13.05
C LYS A 42 83.55 94.41 -12.85
N PRO A 43 83.10 95.10 -13.90
CA PRO A 43 82.70 96.50 -13.75
C PRO A 43 81.38 96.68 -13.02
N TYR A 44 81.39 96.49 -11.68
CA TYR A 44 80.19 96.71 -10.88
C TYR A 44 79.89 98.19 -10.65
N PHE A 45 80.91 99.05 -10.78
CA PHE A 45 80.77 100.47 -10.52
C PHE A 45 81.34 101.27 -11.68
N SER A 46 81.05 102.56 -11.69
CA SER A 46 81.56 103.48 -12.71
C SER A 46 81.64 104.89 -12.13
N VAL A 47 82.59 105.67 -12.64
CA VAL A 47 82.77 107.06 -12.22
C VAL A 47 82.44 107.95 -13.42
N SER A 48 81.35 108.69 -13.31
CA SER A 48 81.04 109.75 -14.27
C SER A 48 81.96 110.92 -13.98
N SER A 49 82.86 111.22 -14.91
CA SER A 49 83.84 112.28 -14.69
C SER A 49 83.15 113.62 -14.47
N GLU A 50 82.05 113.87 -15.17
CA GLU A 50 81.32 115.12 -14.99
C GLU A 50 80.75 115.24 -13.59
N SER A 51 80.18 114.15 -13.06
CA SER A 51 79.58 114.19 -11.74
C SER A 51 80.61 114.10 -10.62
N GLY A 52 81.69 113.35 -10.83
CA GLY A 52 82.70 113.21 -9.79
C GLY A 52 82.26 112.37 -8.62
N GLU A 53 81.31 111.46 -8.81
CA GLU A 53 80.77 110.62 -7.77
C GLU A 53 80.75 109.18 -8.24
N LEU A 54 80.48 108.27 -7.30
CA LEU A 54 80.37 106.85 -7.61
C LEU A 54 78.98 106.55 -8.17
N LEU A 55 78.90 105.60 -9.10
CA LEU A 55 77.63 105.22 -9.68
C LEU A 55 77.61 103.70 -9.89
N VAL A 56 76.43 103.12 -9.71
CA VAL A 56 76.27 101.68 -9.89
C VAL A 56 76.21 101.37 -11.39
N SER A 57 76.96 100.34 -11.80
CA SER A 57 77.00 99.95 -13.20
C SER A 57 76.31 98.60 -13.31
N SER A 58 77.02 97.48 -13.13
CA SER A 58 76.42 96.17 -13.23
C SER A 58 75.56 95.88 -11.99
N ARG A 59 74.73 94.84 -12.10
CA ARG A 59 73.88 94.44 -10.99
C ARG A 59 74.73 93.92 -9.83
N LEU A 60 74.40 94.37 -8.62
CA LEU A 60 75.15 94.02 -7.42
C LEU A 60 74.34 92.98 -6.65
N ASP A 61 74.55 91.71 -6.99
CA ASP A 61 73.86 90.60 -6.36
C ASP A 61 74.71 90.06 -5.23
N ARG A 62 74.28 90.28 -3.98
CA ARG A 62 75.04 89.80 -2.85
C ARG A 62 75.10 88.27 -2.82
N GLU A 63 74.01 87.61 -3.20
CA GLU A 63 74.00 86.15 -3.18
C GLU A 63 74.95 85.57 -4.22
N GLN A 64 75.20 86.31 -5.31
CA GLN A 64 76.16 85.87 -6.32
C GLN A 64 77.58 86.33 -6.01
N ILE A 65 77.76 87.36 -5.18
CA ILE A 65 79.08 87.84 -4.84
C ILE A 65 79.55 87.18 -3.55
N CYS A 66 79.02 87.63 -2.41
CA CYS A 66 79.43 87.08 -1.13
C CYS A 66 78.59 85.87 -0.74
N GLY A 67 77.30 85.88 -1.05
CA GLY A 67 76.41 84.79 -0.69
C GLY A 67 76.12 84.75 0.80
N LYS A 68 76.63 83.73 1.48
CA LYS A 68 76.47 83.58 2.93
C LYS A 68 77.62 84.20 3.72
N LYS A 69 78.59 84.81 3.04
CA LYS A 69 79.73 85.41 3.73
C LYS A 69 79.29 86.38 4.82
N LEU A 70 79.98 86.31 5.96
CA LEU A 70 79.61 87.11 7.12
C LEU A 70 79.61 88.61 6.79
N MET A 71 80.75 89.14 6.37
CA MET A 71 80.88 90.53 5.96
C MET A 71 81.20 90.60 4.48
N CYS A 72 80.45 91.41 3.74
CA CYS A 72 80.63 91.56 2.31
C CYS A 72 81.41 92.84 2.05
N ALA A 73 82.72 92.69 1.82
CA ALA A 73 83.63 93.81 1.57
C ALA A 73 84.13 93.68 0.14
N LEU A 74 83.59 94.49 -0.77
CA LEU A 74 84.03 94.50 -2.15
C LEU A 74 85.16 95.51 -2.27
N GLU A 75 86.34 95.04 -2.67
CA GLU A 75 87.55 95.85 -2.74
C GLU A 75 87.92 96.08 -4.19
N PHE A 76 87.71 97.30 -4.68
CA PHE A 76 88.16 97.71 -6.01
C PHE A 76 89.14 98.86 -5.85
N GLU A 77 89.67 99.36 -6.98
CA GLU A 77 90.60 100.47 -6.92
C GLU A 77 90.12 101.59 -7.81
N ALA A 78 90.70 102.77 -7.61
CA ALA A 78 90.40 103.95 -8.41
C ALA A 78 91.71 104.53 -8.91
N VAL A 79 91.85 104.63 -10.24
CA VAL A 79 93.06 105.10 -10.88
C VAL A 79 92.82 106.52 -11.37
N ALA A 80 93.76 107.42 -11.08
CA ALA A 80 93.72 108.80 -11.56
C ALA A 80 95.05 109.11 -12.24
N GLU A 81 94.97 109.77 -13.40
CA GLU A 81 96.12 110.00 -14.24
C GLU A 81 96.55 111.47 -14.15
N ASN A 82 97.86 111.71 -14.19
CA ASN A 82 98.47 113.03 -14.15
C ASN A 82 98.11 113.76 -12.86
N PRO A 83 98.79 113.46 -11.73
CA PRO A 83 99.80 112.40 -11.63
C PRO A 83 99.18 111.03 -11.37
N LEU A 84 99.88 109.97 -11.75
CA LEU A 84 99.39 108.61 -11.56
C LEU A 84 99.26 108.27 -10.09
N ASN A 85 98.02 108.10 -9.62
CA ASN A 85 97.77 107.79 -8.21
C ASN A 85 96.57 106.87 -8.12
N PHE A 86 96.64 105.91 -7.19
CA PHE A 86 95.60 104.93 -6.99
C PHE A 86 95.08 104.98 -5.57
N TYR A 87 93.77 104.76 -5.43
CA TYR A 87 93.11 104.73 -4.13
C TYR A 87 92.30 103.46 -4.00
N HIS A 88 92.43 102.76 -2.86
CA HIS A 88 91.70 101.53 -2.63
C HIS A 88 90.34 101.86 -2.03
N LEU A 89 89.27 101.28 -2.60
CA LEU A 89 87.92 101.53 -2.13
C LEU A 89 87.26 100.20 -1.76
N SER A 90 86.79 100.11 -0.52
CA SER A 90 86.07 98.95 -0.02
C SER A 90 84.63 99.36 0.28
N VAL A 91 83.67 98.71 -0.37
CA VAL A 91 82.26 99.00 -0.16
C VAL A 91 81.61 97.80 0.53
N GLU A 92 80.72 98.07 1.48
CA GLU A 92 79.97 97.05 2.17
C GLU A 92 78.48 97.21 1.86
N LEU A 93 77.87 96.14 1.37
CA LEU A 93 76.47 96.17 0.97
C LEU A 93 75.61 95.44 1.99
N GLU A 94 74.38 95.93 2.15
CA GLU A 94 73.41 95.36 3.08
C GLU A 94 72.53 94.33 2.38
N ASP A 95 72.26 93.24 3.08
CA ASP A 95 71.38 92.21 2.53
C ASP A 95 69.94 92.69 2.52
N ILE A 96 69.25 92.46 1.40
CA ILE A 96 67.86 92.85 1.24
C ILE A 96 66.98 91.62 1.40
N ASN A 97 65.84 91.80 2.07
CA ASN A 97 64.87 90.72 2.28
C ASN A 97 63.96 90.60 1.05
N ASP A 98 64.60 90.40 -0.11
CA ASP A 98 63.90 90.28 -1.37
C ASP A 98 63.48 88.85 -1.70
N HIS A 99 64.03 87.86 -1.01
CA HIS A 99 63.68 86.46 -1.19
C HIS A 99 62.92 85.99 0.04
N THR A 100 61.60 85.80 -0.11
CA THR A 100 60.81 85.26 0.97
C THR A 100 61.12 83.78 1.15
N PRO A 101 61.03 83.27 2.37
CA PRO A 101 61.23 81.83 2.57
C PRO A 101 60.22 81.02 1.79
N LYS A 102 60.62 79.81 1.40
CA LYS A 102 59.76 78.94 0.61
C LYS A 102 60.26 77.51 0.75
N PHE A 103 59.33 76.57 0.90
CA PHE A 103 59.69 75.17 1.01
C PHE A 103 59.95 74.58 -0.37
N ALA A 104 60.61 73.41 -0.36
CA ALA A 104 61.03 72.79 -1.61
C ALA A 104 59.83 72.27 -2.40
N HIS A 105 58.89 71.62 -1.73
CA HIS A 105 57.73 71.02 -2.39
C HIS A 105 56.44 71.66 -1.89
N THR A 106 55.49 71.85 -2.81
CA THR A 106 54.19 72.38 -2.42
C THR A 106 53.43 71.39 -1.55
N SER A 107 53.57 70.09 -1.85
CA SER A 107 52.89 69.04 -1.08
C SER A 107 53.82 67.85 -0.95
N PHE A 108 53.92 67.30 0.26
CA PHE A 108 54.67 66.07 0.51
C PHE A 108 53.95 65.24 1.54
N GLU A 109 53.70 63.97 1.21
CA GLU A 109 52.97 63.06 2.07
C GLU A 109 53.92 62.18 2.88
N LEU A 110 53.51 61.86 4.10
CA LEU A 110 54.29 61.01 4.99
C LEU A 110 53.48 59.79 5.37
N GLN A 111 54.14 58.62 5.39
CA GLN A 111 53.51 57.36 5.79
C GLN A 111 54.09 56.98 7.15
N ILE A 112 53.27 57.11 8.20
CA ILE A 112 53.68 56.83 9.57
C ILE A 112 52.91 55.62 10.08
N SER A 113 53.62 54.71 10.74
CA SER A 113 52.98 53.52 11.28
C SER A 113 52.01 53.89 12.39
N GLU A 114 51.05 52.99 12.61
CA GLU A 114 50.04 53.23 13.65
C GLU A 114 50.62 53.04 15.05
N SER A 115 51.52 52.07 15.21
CA SER A 115 52.12 51.77 16.50
C SER A 115 53.39 52.58 16.77
N SER A 116 53.46 53.80 16.26
CA SER A 116 54.61 54.66 16.50
C SER A 116 54.61 55.14 17.95
N LYS A 117 55.74 54.97 18.62
CA LYS A 117 55.84 55.37 20.02
C LYS A 117 55.69 56.88 20.14
N PRO A 118 54.95 57.37 21.14
CA PRO A 118 54.86 58.82 21.34
C PRO A 118 56.21 59.42 21.67
N GLY A 119 56.45 60.62 21.17
CA GLY A 119 57.72 61.29 21.36
C GLY A 119 58.73 61.08 20.26
N THR A 120 58.42 60.26 19.26
CA THR A 120 59.35 60.03 18.16
C THR A 120 59.43 61.26 17.26
N ARG A 121 60.65 61.58 16.82
CA ARG A 121 60.90 62.74 15.98
C ARG A 121 60.97 62.32 14.52
N PHE A 122 60.18 62.98 13.69
CA PHE A 122 60.13 62.74 12.26
C PHE A 122 60.72 63.94 11.52
N ILE A 123 61.52 63.65 10.49
CA ILE A 123 62.22 64.69 9.76
C ILE A 123 61.28 65.39 8.79
N LEU A 124 61.46 66.70 8.65
CA LEU A 124 60.73 67.51 7.69
C LEU A 124 61.72 68.38 6.92
N GLY A 125 61.44 68.60 5.64
CA GLY A 125 62.32 69.41 4.81
C GLY A 125 62.30 70.86 5.24
N SER A 126 63.48 71.41 5.51
CA SER A 126 63.59 72.81 5.90
C SER A 126 63.48 73.70 4.67
N ALA A 127 62.79 74.82 4.82
CA ALA A 127 62.72 75.78 3.75
C ALA A 127 64.06 76.49 3.58
N HIS A 128 64.29 77.03 2.39
CA HIS A 128 65.55 77.68 2.04
C HIS A 128 65.28 79.17 1.87
N ASP A 129 65.78 79.97 2.81
CA ASP A 129 65.65 81.42 2.75
C ASP A 129 67.00 82.00 2.36
N ALA A 130 67.04 82.70 1.22
CA ALA A 130 68.31 83.17 0.67
C ALA A 130 68.91 84.31 1.47
N ASP A 131 68.10 85.04 2.24
CA ASP A 131 68.59 86.18 2.98
C ASP A 131 69.35 85.73 4.22
N ILE A 132 70.23 86.60 4.71
CA ILE A 132 71.08 86.32 5.86
C ILE A 132 70.71 87.27 7.00
N GLY A 133 70.91 86.78 8.22
CA GLY A 133 70.68 87.60 9.41
C GLY A 133 69.27 87.52 9.92
N THR A 134 68.72 88.68 10.34
CA THR A 134 67.34 88.72 10.79
C THR A 134 66.37 88.45 9.64
N ASN A 135 66.75 88.79 8.41
CA ASN A 135 65.92 88.50 7.25
C ASN A 135 65.88 87.02 6.91
N SER A 136 66.75 86.21 7.51
CA SER A 136 66.73 84.77 7.28
C SER A 136 65.54 84.15 8.00
N LEU A 137 65.29 82.87 7.69
CA LEU A 137 64.19 82.15 8.32
C LEU A 137 64.45 82.02 9.82
N GLN A 138 63.41 82.27 10.61
CA GLN A 138 63.57 82.31 12.06
C GLN A 138 62.54 81.47 12.80
N ASN A 139 61.28 81.46 12.37
CA ASN A 139 60.20 80.83 13.12
C ASN A 139 59.55 79.74 12.27
N TYR A 140 59.53 78.53 12.80
CA TYR A 140 58.74 77.43 12.24
C TYR A 140 57.49 77.28 13.11
N GLN A 141 56.32 77.30 12.49
CA GLN A 141 55.09 77.17 13.29
C GLN A 141 54.09 76.26 12.59
N LEU A 142 53.54 75.32 13.34
CA LEU A 142 52.62 74.32 12.81
C LEU A 142 51.21 74.59 13.28
N SER A 143 50.25 74.04 12.53
CA SER A 143 48.84 74.21 12.88
C SER A 143 48.56 73.57 14.25
N PRO A 144 47.75 74.22 15.09
CA PRO A 144 47.47 73.65 16.42
C PRO A 144 46.53 72.46 16.33
N ASN A 145 47.00 71.30 16.78
CA ASN A 145 46.20 70.09 16.85
C ASN A 145 46.62 69.31 18.08
N ASP A 146 46.01 68.13 18.26
CA ASP A 146 46.22 67.35 19.47
C ASP A 146 47.17 66.18 19.28
N HIS A 147 47.59 65.87 18.05
CA HIS A 147 48.38 64.67 17.79
C HIS A 147 49.83 64.92 17.44
N PHE A 148 50.19 66.12 16.98
CA PHE A 148 51.56 66.39 16.56
C PHE A 148 51.98 67.76 17.05
N SER A 149 53.31 67.95 17.15
CA SER A 149 53.89 69.22 17.55
C SER A 149 55.14 69.47 16.73
N LEU A 150 55.58 70.73 16.69
CA LEU A 150 56.74 71.13 15.91
C LEU A 150 57.86 71.63 16.83
N VAL A 151 59.10 71.29 16.50
CA VAL A 151 60.27 71.79 17.22
C VAL A 151 61.39 72.11 16.23
N ASN A 152 62.08 73.22 16.46
CA ASN A 152 63.20 73.64 15.62
C ASN A 152 64.51 73.23 16.27
N LYS A 153 65.38 72.56 15.50
CA LYS A 153 66.68 72.10 15.96
C LYS A 153 67.79 72.66 15.09
N GLU A 154 68.76 73.30 15.72
CA GLU A 154 69.92 73.87 15.04
C GLU A 154 71.14 73.13 15.55
N LYS A 155 71.92 72.55 14.63
CA LYS A 155 73.13 71.82 14.99
C LYS A 155 74.34 72.73 14.98
N SER A 156 75.48 72.17 15.42
CA SER A 156 76.71 72.94 15.51
C SER A 156 77.21 73.37 14.15
N ASP A 157 76.90 72.62 13.10
CA ASP A 157 77.37 72.96 11.75
C ASP A 157 76.66 74.18 11.18
N GLY A 158 75.61 74.68 11.83
CA GLY A 158 74.81 75.75 11.29
C GLY A 158 73.67 75.32 10.40
N SER A 159 73.47 74.01 10.24
CA SER A 159 72.39 73.45 9.43
C SER A 159 71.11 73.35 10.28
N LYS A 160 70.26 74.36 10.18
CA LYS A 160 69.02 74.39 10.95
C LYS A 160 67.93 73.57 10.25
N TYR A 161 67.12 72.85 11.04
CA TYR A 161 66.06 72.03 10.49
C TYR A 161 64.89 71.96 11.46
N PRO A 162 63.66 71.84 10.95
CA PRO A 162 62.51 71.57 11.83
C PRO A 162 62.15 70.09 11.87
N GLU A 163 61.58 69.62 12.98
CA GLU A 163 61.14 68.23 13.07
C GLU A 163 59.81 68.16 13.80
N MET A 164 59.09 67.07 13.56
CA MET A 164 57.76 66.84 14.12
C MET A 164 57.83 65.82 15.25
N ILE A 165 57.28 66.19 16.40
CA ILE A 165 57.23 65.31 17.57
C ILE A 165 55.83 64.75 17.70
N LEU A 166 55.72 63.43 17.83
CA LEU A 166 54.44 62.78 18.02
C LEU A 166 53.92 63.06 19.42
N LYS A 167 52.67 63.51 19.51
CA LYS A 167 52.07 63.86 20.80
C LYS A 167 51.36 62.67 21.43
N THR A 168 50.48 62.02 20.68
CA THR A 168 49.74 60.86 21.15
C THR A 168 49.87 59.72 20.14
N ALA A 169 49.58 58.51 20.61
CA ALA A 169 49.61 57.35 19.74
C ALA A 169 48.56 57.46 18.64
N LEU A 170 48.90 56.97 17.44
CA LEU A 170 48.01 57.07 16.31
C LEU A 170 46.99 55.94 16.29
N ASP A 171 46.00 56.07 15.42
CA ASP A 171 44.93 55.08 15.30
C ASP A 171 44.27 55.29 13.94
N ARG A 172 44.57 54.42 12.99
CA ARG A 172 44.05 54.60 11.64
C ARG A 172 42.56 54.29 11.55
N GLU A 173 42.01 53.55 12.49
CA GLU A 173 40.58 53.28 12.50
C GLU A 173 39.77 54.47 13.01
N LYS A 174 40.42 55.42 13.68
CA LYS A 174 39.76 56.66 14.12
C LYS A 174 39.81 57.72 13.03
N GLN A 175 41.01 58.05 12.56
CA GLN A 175 41.20 58.97 11.45
C GLN A 175 42.36 58.45 10.61
N LYS A 176 42.09 58.02 9.39
CA LYS A 176 43.11 57.37 8.57
C LYS A 176 44.18 58.35 8.12
N LEU A 177 43.87 59.64 8.03
CA LEU A 177 44.83 60.61 7.55
C LEU A 177 44.63 61.93 8.28
N TYR A 178 45.66 62.77 8.25
CA TYR A 178 45.61 64.12 8.79
C TYR A 178 46.34 65.06 7.84
N HIS A 179 45.74 66.21 7.56
CA HIS A 179 46.34 67.22 6.71
C HIS A 179 46.50 68.51 7.50
N LEU A 180 47.74 68.98 7.62
CA LEU A 180 48.06 70.15 8.40
C LEU A 180 48.83 71.15 7.54
N THR A 181 48.86 72.39 8.00
CA THR A 181 49.56 73.48 7.32
C THR A 181 50.71 73.97 8.18
N LEU A 182 51.90 74.04 7.60
CA LEU A 182 53.11 74.50 8.25
C LEU A 182 53.50 75.86 7.67
N THR A 183 53.89 76.79 8.54
CA THR A 183 54.24 78.15 8.16
C THR A 183 55.68 78.44 8.54
N ALA A 184 56.45 78.91 7.57
CA ALA A 184 57.79 79.42 7.80
C ALA A 184 57.75 80.94 7.79
N LEU A 185 58.38 81.56 8.78
CA LEU A 185 58.34 83.00 8.99
C LEU A 185 59.74 83.51 9.27
N ASP A 186 60.05 84.69 8.74
CA ASP A 186 61.30 85.36 9.04
C ASP A 186 61.05 86.49 10.04
N PHE A 187 62.13 86.89 10.72
CA PHE A 187 62.03 87.95 11.71
C PHE A 187 62.58 89.25 11.13
N GLY A 188 61.86 89.73 10.11
CA GLY A 188 62.13 91.00 9.49
C GLY A 188 60.93 91.94 9.61
N HIS A 189 61.11 93.14 9.08
CA HIS A 189 60.04 94.13 9.05
C HIS A 189 59.75 94.53 7.61
N PRO A 190 58.62 94.10 7.04
CA PRO A 190 57.64 93.23 7.69
C PRO A 190 57.95 91.74 7.53
N PRO A 191 57.31 90.89 8.34
CA PRO A 191 57.47 89.44 8.17
C PRO A 191 56.61 88.92 7.04
N LEU A 192 57.20 88.06 6.20
CA LEU A 192 56.50 87.42 5.10
C LEU A 192 56.52 85.92 5.33
N ASN A 193 55.41 85.26 5.00
CA ASN A 193 55.19 83.88 5.40
C ASN A 193 55.17 82.94 4.20
N SER A 194 55.45 81.67 4.48
CA SER A 194 55.38 80.60 3.49
C SER A 194 54.58 79.44 4.06
N THR A 195 53.70 78.88 3.23
CA THR A 195 52.84 77.78 3.63
C THR A 195 53.25 76.49 2.93
N ALA A 196 53.09 75.38 3.64
CA ALA A 196 53.33 74.06 3.07
C ALA A 196 52.42 73.05 3.75
N GLN A 197 51.72 72.26 2.96
CA GLN A 197 50.75 71.30 3.49
C GLN A 197 51.39 69.92 3.62
N ILE A 198 51.15 69.28 4.77
CA ILE A 198 51.67 67.96 5.07
C ILE A 198 50.50 67.02 5.34
N GLN A 199 50.48 65.90 4.63
CA GLN A 199 49.42 64.91 4.78
C GLN A 199 50.04 63.60 5.28
N VAL A 200 49.65 63.19 6.47
CA VAL A 200 50.13 61.95 7.08
C VAL A 200 49.04 60.90 6.95
N LEU A 201 49.38 59.79 6.29
CA LEU A 201 48.49 58.64 6.15
C LEU A 201 48.96 57.57 7.12
N VAL A 202 48.13 57.25 8.11
CA VAL A 202 48.49 56.30 9.15
C VAL A 202 48.59 54.91 8.52
N THR A 203 49.80 54.36 8.51
CA THR A 203 50.01 53.04 7.94
C THR A 203 49.40 51.96 8.84
N ASP A 204 48.75 50.98 8.22
CA ASP A 204 48.01 49.98 8.97
C ASP A 204 48.97 49.06 9.73
N ALA A 205 48.56 48.71 10.95
CA ALA A 205 49.25 47.70 11.76
C ALA A 205 48.23 46.67 12.23
N ASN A 206 48.74 45.51 12.64
CA ASN A 206 47.86 44.42 13.05
C ASN A 206 47.63 44.49 14.57
N ASP A 207 46.80 45.46 14.95
CA ASP A 207 46.41 45.64 16.34
C ASP A 207 44.98 45.22 16.63
N ASN A 208 44.13 45.10 15.61
CA ASN A 208 42.75 44.66 15.80
C ASN A 208 42.60 43.23 15.33
N PRO A 209 42.22 42.31 16.21
CA PRO A 209 42.02 40.92 15.79
C PRO A 209 40.65 40.73 15.17
N PRO A 210 40.44 39.65 14.41
CA PRO A 210 39.09 39.32 13.96
C PRO A 210 38.23 38.90 15.16
N VAL A 211 36.98 39.36 15.16
CA VAL A 211 36.08 39.14 16.29
C VAL A 211 34.82 38.47 15.77
N PHE A 212 34.35 37.46 16.52
CA PHE A 212 33.13 36.75 16.18
C PHE A 212 31.91 37.51 16.70
N SER A 213 30.73 37.08 16.23
CA SER A 213 29.49 37.72 16.64
C SER A 213 29.08 37.31 18.05
N GLN A 214 29.19 36.02 18.38
CA GLN A 214 28.83 35.53 19.70
C GLN A 214 29.87 34.51 20.15
N ASP A 215 29.97 34.34 21.48
CA ASP A 215 30.89 33.37 22.02
C ASP A 215 30.43 31.94 21.75
N ILE A 216 29.14 31.67 21.95
CA ILE A 216 28.58 30.33 21.82
C ILE A 216 27.38 30.38 20.89
N TYR A 217 27.31 29.43 19.96
CA TYR A 217 26.16 29.25 19.09
C TYR A 217 25.48 27.92 19.43
N ARG A 218 24.25 27.77 18.96
CA ARG A 218 23.45 26.59 19.26
C ARG A 218 22.78 26.11 17.98
N VAL A 219 23.01 24.85 17.62
CA VAL A 219 22.42 24.25 16.44
C VAL A 219 21.91 22.86 16.79
N SER A 220 20.76 22.49 16.23
CA SER A 220 20.18 21.17 16.38
C SER A 220 19.85 20.62 15.00
N LEU A 221 20.31 19.40 14.72
CA LEU A 221 20.11 18.76 13.43
C LEU A 221 19.79 17.29 13.64
N PRO A 222 19.03 16.69 12.71
CA PRO A 222 18.71 15.27 12.84
C PRO A 222 19.94 14.39 12.64
N GLU A 223 19.85 13.17 13.16
CA GLU A 223 20.95 12.22 13.10
C GLU A 223 21.04 11.49 11.77
N ASN A 224 20.14 11.75 10.82
CA ASN A 224 20.13 11.06 9.54
C ASN A 224 20.44 11.98 8.37
N VAL A 225 21.14 13.10 8.61
CA VAL A 225 21.47 14.01 7.53
C VAL A 225 22.51 13.38 6.62
N TYR A 226 22.29 13.52 5.31
CA TYR A 226 23.23 13.00 4.33
C TYR A 226 24.52 13.82 4.36
N PRO A 227 25.67 13.20 4.06
CA PRO A 227 26.93 13.95 4.04
C PRO A 227 26.90 15.09 3.03
N GLY A 228 27.17 16.30 3.53
CA GLY A 228 27.14 17.50 2.71
C GLY A 228 26.09 18.52 3.12
N THR A 229 25.34 18.30 4.20
CA THR A 229 24.36 19.27 4.64
C THR A 229 25.04 20.48 5.29
N THR A 230 24.66 21.67 4.87
CA THR A 230 25.23 22.91 5.41
C THR A 230 24.78 23.05 6.87
N VAL A 231 25.70 22.76 7.79
CA VAL A 231 25.38 22.80 9.21
C VAL A 231 25.16 24.23 9.68
N LEU A 232 26.14 25.09 9.45
CA LEU A 232 26.04 26.45 9.98
C LEU A 232 27.01 27.37 9.23
N ARG A 233 26.71 28.67 9.29
CA ARG A 233 27.57 29.70 8.72
C ARG A 233 27.95 30.68 9.82
N VAL A 234 29.26 30.83 10.05
CA VAL A 234 29.78 31.79 11.02
C VAL A 234 30.56 32.86 10.27
N VAL A 235 30.48 34.10 10.76
CA VAL A 235 31.13 35.24 10.13
C VAL A 235 31.89 36.02 11.20
N ALA A 236 33.11 36.44 10.87
CA ALA A 236 33.93 37.25 11.76
C ALA A 236 34.24 38.59 11.10
N THR A 237 34.52 39.59 11.93
CA THR A 237 34.78 40.94 11.46
C THR A 237 36.15 41.40 11.93
N ASP A 238 36.97 41.87 10.99
CA ASP A 238 38.28 42.43 11.30
C ASP A 238 38.25 43.93 11.03
N GLN A 239 38.67 44.73 12.01
CA GLN A 239 38.60 46.17 11.91
C GLN A 239 39.75 46.79 11.12
N ASP A 240 40.68 45.98 10.62
CA ASP A 240 41.75 46.49 9.78
C ASP A 240 41.32 46.45 8.31
N GLU A 241 42.22 46.86 7.42
CA GLU A 241 41.98 46.76 5.99
C GLU A 241 43.27 46.32 5.31
N GLY A 242 43.12 45.81 4.09
CA GLY A 242 44.24 45.22 3.38
C GLY A 242 44.44 43.76 3.77
N VAL A 243 45.68 43.29 3.59
CA VAL A 243 46.01 41.90 3.90
C VAL A 243 45.80 41.62 5.38
N ASN A 244 46.11 42.61 6.24
CA ASN A 244 45.90 42.46 7.68
C ASN A 244 44.42 42.26 8.03
N SER A 245 43.51 42.43 7.08
CA SER A 245 42.09 42.20 7.32
C SER A 245 41.63 40.84 6.79
N GLU A 246 42.48 40.10 6.10
CA GLU A 246 42.09 38.78 5.62
C GLU A 246 41.85 37.85 6.80
N ILE A 247 40.74 37.12 6.76
CA ILE A 247 40.32 36.26 7.87
C ILE A 247 40.32 34.83 7.36
N THR A 248 41.03 33.96 8.08
CA THR A 248 41.08 32.53 7.77
C THR A 248 40.60 31.75 8.98
N PHE A 249 39.72 30.78 8.72
CA PHE A 249 39.13 29.94 9.76
C PHE A 249 39.80 28.58 9.78
N SER A 250 39.86 27.98 10.98
CA SER A 250 40.48 26.67 11.14
C SER A 250 39.93 25.98 12.37
N PHE A 251 39.96 24.64 12.34
CA PHE A 251 39.65 23.83 13.51
C PHE A 251 40.88 23.78 14.42
N SER A 252 40.67 24.03 15.71
CA SER A 252 41.77 24.04 16.66
C SER A 252 41.29 23.54 18.01
N GLU A 253 42.12 22.70 18.63
CA GLU A 253 41.92 22.20 20.00
C GLU A 253 40.53 21.56 20.15
N ALA A 254 40.43 20.37 19.59
CA ALA A 254 39.20 19.58 19.68
C ALA A 254 39.52 18.14 19.29
N GLY A 255 38.50 17.30 19.38
CA GLY A 255 38.63 15.93 18.92
C GLY A 255 38.85 15.90 17.43
N GLN A 256 39.97 15.33 17.00
CA GLN A 256 40.32 15.33 15.58
C GLN A 256 39.47 14.37 14.76
N VAL A 257 38.52 13.65 15.37
CA VAL A 257 37.66 12.76 14.62
C VAL A 257 36.90 13.56 13.57
N THR A 258 36.83 13.01 12.36
CA THR A 258 36.35 13.76 11.20
C THR A 258 34.95 13.31 10.83
N GLN A 259 33.96 14.19 11.05
CA GLN A 259 32.64 14.04 10.50
C GLN A 259 32.09 15.33 9.91
N PHE A 260 32.73 16.46 10.18
CA PHE A 260 32.35 17.75 9.66
C PHE A 260 33.43 18.26 8.72
N ASN A 261 33.22 19.47 8.18
CA ASN A 261 34.17 20.07 7.25
C ASN A 261 33.93 21.58 7.23
N LEU A 262 35.02 22.34 7.31
CA LEU A 262 34.96 23.80 7.31
C LEU A 262 35.82 24.35 6.18
N ASP A 263 35.25 25.25 5.40
CA ASP A 263 36.02 25.98 4.40
C ASP A 263 36.72 27.17 5.05
N SER A 264 38.00 27.36 4.68
CA SER A 264 38.82 28.33 5.39
C SER A 264 38.37 29.76 5.14
N ASN A 265 38.02 30.09 3.90
CA ASN A 265 37.70 31.48 3.57
C ASN A 265 36.23 31.83 3.87
N THR A 266 35.29 31.03 3.36
CA THR A 266 33.88 31.34 3.56
C THR A 266 33.46 31.14 5.01
N GLY A 267 34.04 30.15 5.68
CA GLY A 267 33.75 29.93 7.09
C GLY A 267 32.48 29.16 7.38
N GLU A 268 31.95 28.43 6.41
CA GLU A 268 30.74 27.64 6.62
C GLU A 268 31.12 26.20 6.95
N ILE A 269 30.38 25.60 7.87
CA ILE A 269 30.61 24.23 8.32
C ILE A 269 29.50 23.36 7.78
N THR A 270 29.87 22.31 7.06
CA THR A 270 28.95 21.34 6.49
C THR A 270 29.40 19.93 6.88
N THR A 271 28.44 19.02 7.03
CA THR A 271 28.76 17.65 7.42
C THR A 271 29.53 16.93 6.31
N LEU A 272 30.36 15.98 6.73
CA LEU A 272 31.10 15.13 5.81
C LEU A 272 30.72 13.66 5.89
N HIS A 273 30.19 13.20 7.03
CA HIS A 273 29.72 11.83 7.19
C HIS A 273 28.34 11.83 7.82
N THR A 274 27.69 10.67 7.79
CA THR A 274 26.38 10.54 8.41
C THR A 274 26.48 10.63 9.92
N LEU A 275 25.50 11.26 10.55
CA LEU A 275 25.50 11.41 11.99
C LEU A 275 24.86 10.19 12.66
N ASP A 276 24.92 10.18 14.00
CA ASP A 276 24.31 9.13 14.79
C ASP A 276 24.20 9.61 16.23
N PHE A 277 23.05 9.33 16.85
CA PHE A 277 22.78 9.79 18.22
C PHE A 277 23.21 8.79 19.28
N GLU A 278 23.22 7.49 18.96
CA GLU A 278 23.48 6.48 19.97
C GLU A 278 24.93 6.45 20.45
N GLU A 279 25.86 7.00 19.66
CA GLU A 279 27.26 6.99 20.04
C GLU A 279 27.74 8.32 20.62
N VAL A 280 27.44 9.44 19.96
CA VAL A 280 27.85 10.76 20.41
C VAL A 280 26.59 11.63 20.48
N LYS A 281 26.20 12.00 21.71
CA LYS A 281 24.98 12.77 21.89
C LYS A 281 25.16 14.24 21.49
N GLU A 282 26.29 14.85 21.87
CA GLU A 282 26.58 16.23 21.54
C GLU A 282 27.99 16.36 21.01
N TYR A 283 28.19 17.32 20.11
CA TYR A 283 29.51 17.66 19.61
C TYR A 283 29.82 19.10 20.02
N SER A 284 31.09 19.34 20.34
CA SER A 284 31.59 20.67 20.67
C SER A 284 32.70 21.03 19.70
N LEU A 285 32.58 22.19 19.06
CA LEU A 285 33.53 22.63 18.06
C LEU A 285 34.15 23.94 18.48
N VAL A 286 35.47 24.06 18.27
CA VAL A 286 36.23 25.27 18.58
C VAL A 286 36.80 25.81 17.28
N LEU A 287 36.43 27.05 16.95
CA LEU A 287 36.83 27.68 15.70
C LEU A 287 37.86 28.77 15.98
N GLU A 288 38.88 28.84 15.12
CA GLU A 288 39.96 29.80 15.24
C GLU A 288 39.98 30.66 13.99
N ALA A 289 39.87 31.98 14.17
CA ALA A 289 39.95 32.94 13.08
C ALA A 289 41.22 33.76 13.25
N LYS A 290 42.03 33.83 12.20
CA LYS A 290 43.32 34.50 12.26
C LYS A 290 43.57 35.28 10.98
N ASP A 291 44.32 36.37 11.12
CA ASP A 291 44.73 37.20 9.99
C ASP A 291 46.17 36.87 9.62
N GLY A 292 46.81 37.73 8.82
CA GLY A 292 48.16 37.44 8.34
C GLY A 292 49.23 37.52 9.42
N GLY A 293 49.05 38.39 10.41
CA GLY A 293 50.09 38.61 11.40
C GLY A 293 50.00 37.72 12.62
N GLY A 294 49.26 36.63 12.53
CA GLY A 294 49.16 35.71 13.65
C GLY A 294 48.31 36.18 14.81
N MET A 295 47.39 37.10 14.56
CA MET A 295 46.43 37.53 15.58
C MET A 295 45.20 36.64 15.51
N ILE A 296 44.90 35.97 16.62
CA ILE A 296 43.94 34.86 16.63
C ILE A 296 42.80 35.17 17.58
N ALA A 297 41.62 34.62 17.26
CA ALA A 297 40.49 34.66 18.18
C ALA A 297 39.63 33.42 17.94
N GLN A 298 39.15 32.81 19.03
CA GLN A 298 38.45 31.54 18.96
C GLN A 298 37.05 31.64 19.56
N CYS A 299 36.13 30.88 18.98
CA CYS A 299 34.75 30.76 19.47
C CYS A 299 34.38 29.28 19.57
N THR A 300 33.18 29.02 20.11
CA THR A 300 32.70 27.67 20.32
C THR A 300 31.28 27.52 19.80
N VAL A 301 30.99 26.34 19.25
CA VAL A 301 29.65 25.98 18.78
C VAL A 301 29.29 24.61 19.33
N GLU A 302 28.08 24.47 19.87
CA GLU A 302 27.58 23.22 20.41
C GLU A 302 26.50 22.66 19.50
N ILE A 303 26.73 21.47 18.95
CA ILE A 303 25.77 20.79 18.11
C ILE A 303 25.10 19.70 18.93
N GLU A 304 23.78 19.85 19.14
CA GLU A 304 22.99 18.89 19.90
C GLU A 304 22.19 18.05 18.90
N VAL A 305 22.73 16.87 18.56
CA VAL A 305 22.08 16.00 17.60
C VAL A 305 20.79 15.45 18.20
N LEU A 306 19.71 15.49 17.43
CA LEU A 306 18.41 15.03 17.88
C LEU A 306 18.20 13.57 17.48
N ASP A 307 17.54 12.81 18.35
CA ASP A 307 17.31 11.39 18.12
C ASP A 307 16.13 11.21 17.15
N GLU A 308 16.39 10.56 16.02
CA GLU A 308 15.37 10.28 15.03
C GLU A 308 14.82 8.87 15.21
N ASN A 309 13.58 8.68 14.74
CA ASN A 309 12.90 7.38 14.83
C ASN A 309 13.31 6.51 13.64
N ASP A 310 14.57 6.10 13.66
CA ASP A 310 15.15 5.26 12.63
C ASP A 310 15.53 3.88 13.15
N ASN A 311 15.24 3.59 14.42
CA ASN A 311 15.49 2.28 15.01
C ASN A 311 14.16 1.60 15.30
N VAL A 312 14.09 0.31 14.99
CA VAL A 312 12.85 -0.47 15.11
C VAL A 312 12.74 -1.01 16.54
N PRO A 313 11.56 -0.94 17.17
CA PRO A 313 11.41 -1.55 18.49
C PRO A 313 11.53 -3.07 18.42
N GLU A 314 12.04 -3.65 19.50
CA GLU A 314 12.33 -5.07 19.58
C GLU A 314 11.55 -5.71 20.72
N VAL A 315 10.97 -6.88 20.44
CA VAL A 315 10.25 -7.69 21.42
C VAL A 315 11.13 -8.89 21.77
N LEU A 316 11.59 -8.95 23.01
CA LEU A 316 12.49 -10.00 23.47
C LEU A 316 11.69 -11.02 24.27
N PHE A 317 11.66 -12.26 23.78
CA PHE A 317 11.13 -13.38 24.57
C PHE A 317 12.25 -13.94 25.43
N GLN A 318 12.02 -14.04 26.74
CA GLN A 318 13.06 -14.56 27.61
C GLN A 318 12.73 -15.91 28.21
N SER A 319 11.45 -16.19 28.46
CA SER A 319 11.01 -17.48 28.97
C SER A 319 10.09 -18.11 27.94
N LEU A 320 10.39 -19.36 27.58
CA LEU A 320 9.68 -20.05 26.50
C LEU A 320 8.78 -21.12 27.10
N PRO A 321 7.46 -21.02 26.94
CA PRO A 321 6.58 -22.09 27.45
C PRO A 321 6.37 -23.16 26.38
N ASP A 322 7.38 -24.03 26.24
CA ASP A 322 7.30 -25.09 25.25
C ASP A 322 6.20 -26.08 25.60
N LEU A 323 5.99 -26.32 26.90
CA LEU A 323 4.96 -27.23 27.37
C LEU A 323 4.13 -26.51 28.42
N ILE A 324 2.81 -26.51 28.25
CA ILE A 324 1.90 -25.92 29.21
C ILE A 324 0.74 -26.90 29.40
N MET A 325 0.26 -27.00 30.64
CA MET A 325 -0.82 -27.92 30.96
C MET A 325 -2.16 -27.40 30.44
N GLU A 326 -3.00 -28.33 30.01
CA GLU A 326 -4.33 -27.98 29.52
C GLU A 326 -5.22 -27.44 30.64
N ASP A 327 -5.06 -27.95 31.86
CA ASP A 327 -5.85 -27.50 33.00
C ASP A 327 -5.28 -26.25 33.66
N ALA A 328 -4.56 -25.43 32.90
CA ALA A 328 -3.95 -24.23 33.47
C ALA A 328 -5.00 -23.31 34.07
N GLU A 329 -4.77 -22.87 35.30
CA GLU A 329 -5.69 -21.98 35.98
C GLU A 329 -5.79 -20.65 35.24
N PRO A 330 -6.91 -19.95 35.37
CA PRO A 330 -7.05 -18.65 34.69
C PRO A 330 -6.12 -17.62 35.28
N GLY A 331 -5.35 -16.96 34.41
CA GLY A 331 -4.45 -15.90 34.83
C GLY A 331 -3.04 -16.35 35.16
N THR A 332 -2.66 -17.57 34.79
CA THR A 332 -1.30 -18.04 35.06
C THR A 332 -0.28 -17.37 34.13
N TYR A 333 0.94 -17.24 34.64
CA TYR A 333 2.02 -16.60 33.91
C TYR A 333 2.62 -17.60 32.92
N ILE A 334 2.45 -17.33 31.62
CA ILE A 334 2.87 -18.26 30.58
C ILE A 334 4.23 -17.88 30.03
N ALA A 335 4.37 -16.65 29.54
CA ALA A 335 5.58 -16.21 28.86
C ALA A 335 6.04 -14.86 29.42
N LEU A 336 7.34 -14.62 29.29
CA LEU A 336 7.99 -13.42 29.81
C LEU A 336 8.57 -12.62 28.64
N LEU A 337 8.12 -11.37 28.51
CA LEU A 337 8.46 -10.51 27.38
C LEU A 337 9.07 -9.20 27.85
N LYS A 338 9.98 -8.66 27.02
CA LYS A 338 10.54 -7.34 27.22
C LYS A 338 10.41 -6.54 25.93
N THR A 339 10.40 -5.22 26.06
CA THR A 339 10.34 -4.31 24.93
C THR A 339 11.49 -3.33 25.01
N ARG A 340 12.26 -3.20 23.93
CA ARG A 340 13.43 -2.33 23.91
C ARG A 340 13.46 -1.48 22.64
N ASP A 341 13.82 -0.21 22.80
CA ASP A 341 13.92 0.71 21.68
C ASP A 341 15.18 1.56 21.83
N LYS A 342 15.96 1.66 20.76
CA LYS A 342 17.18 2.46 20.80
C LYS A 342 16.88 3.96 20.85
N ASP A 343 15.75 4.37 20.30
CA ASP A 343 15.41 5.79 20.22
C ASP A 343 15.07 6.35 21.61
N SER A 344 14.67 7.61 21.64
CA SER A 344 14.35 8.31 22.88
C SER A 344 13.00 9.02 22.71
N GLY A 345 12.49 9.54 23.82
CA GLY A 345 11.25 10.27 23.83
C GLY A 345 10.10 9.43 23.30
N ARG A 346 9.17 10.10 22.60
CA ARG A 346 8.09 9.39 21.95
C ARG A 346 8.59 8.46 20.86
N ASN A 347 9.83 8.64 20.40
CA ASN A 347 10.41 7.71 19.44
C ASN A 347 10.89 6.42 20.10
N GLY A 348 11.02 6.42 21.42
CA GLY A 348 11.47 5.25 22.15
C GLY A 348 10.35 4.57 22.93
N GLU A 349 9.24 5.27 23.10
CA GLU A 349 8.09 4.69 23.78
C GLU A 349 7.44 3.64 22.89
N VAL A 350 7.28 2.42 23.43
CA VAL A 350 6.80 1.27 22.67
C VAL A 350 5.58 0.71 23.38
N ILE A 351 4.50 0.50 22.62
CA ILE A 351 3.29 -0.14 23.10
C ILE A 351 3.12 -1.46 22.37
N CYS A 352 2.83 -2.52 23.12
CA CYS A 352 2.71 -3.86 22.58
C CYS A 352 1.27 -4.35 22.71
N LYS A 353 0.84 -5.13 21.73
CA LYS A 353 -0.50 -5.70 21.72
C LYS A 353 -0.47 -7.09 21.11
N LEU A 354 -1.55 -7.84 21.37
CA LEU A 354 -1.75 -9.15 20.79
C LEU A 354 -2.91 -9.07 19.80
N GLU A 355 -2.69 -9.53 18.58
CA GLU A 355 -3.72 -9.59 17.56
C GLU A 355 -4.13 -11.05 17.37
N GLY A 356 -5.43 -11.29 17.24
CA GLY A 356 -5.95 -12.62 17.07
C GLY A 356 -7.00 -12.97 18.11
N GLY A 357 -7.62 -14.12 17.90
CA GLY A 357 -8.68 -14.62 18.74
C GLY A 357 -8.26 -15.62 19.81
N ALA A 358 -6.97 -15.85 20.00
CA ALA A 358 -6.53 -16.77 21.04
C ALA A 358 -6.79 -16.16 22.42
N PRO A 359 -7.17 -16.97 23.42
CA PRO A 359 -7.52 -16.44 24.76
C PRO A 359 -6.29 -16.18 25.64
N PHE A 360 -5.55 -15.13 25.31
CA PHE A 360 -4.38 -14.73 26.07
C PHE A 360 -4.36 -13.21 26.18
N LYS A 361 -3.91 -12.70 27.33
CA LYS A 361 -3.90 -11.27 27.58
C LYS A 361 -2.53 -10.83 28.09
N ILE A 362 -2.17 -9.59 27.75
CA ILE A 362 -0.94 -8.95 28.22
C ILE A 362 -1.28 -8.08 29.42
N LEU A 363 -0.52 -8.22 30.50
CA LEU A 363 -0.67 -7.42 31.70
C LEU A 363 0.66 -6.73 31.98
N THR A 364 0.64 -5.40 32.08
CA THR A 364 1.85 -4.62 32.29
C THR A 364 2.09 -4.42 33.78
N SER A 365 3.23 -4.92 34.27
CA SER A 365 3.58 -4.74 35.67
C SER A 365 4.40 -3.48 35.91
N SER A 366 5.22 -3.09 34.94
CA SER A 366 5.98 -1.84 35.01
C SER A 366 6.37 -1.46 33.59
N GLY A 367 7.03 -0.30 33.47
CA GLY A 367 7.47 0.21 32.19
C GLY A 367 8.33 -0.77 31.42
N ASN A 368 7.90 -1.10 30.19
CA ASN A 368 8.60 -2.04 29.32
C ASN A 368 8.73 -3.44 29.94
N THR A 369 7.83 -3.79 30.86
CA THR A 369 7.80 -5.12 31.46
C THR A 369 6.39 -5.66 31.33
N TYR A 370 6.21 -6.67 30.49
CA TYR A 370 4.90 -7.25 30.23
C TYR A 370 4.93 -8.75 30.48
N LYS A 371 3.77 -9.30 30.80
CA LYS A 371 3.61 -10.73 31.05
C LYS A 371 2.39 -11.24 30.29
N LEU A 372 2.42 -12.52 29.93
CA LEU A 372 1.31 -13.17 29.26
C LEU A 372 0.55 -14.04 30.25
N VAL A 373 -0.77 -13.87 30.29
CA VAL A 373 -1.63 -14.64 31.18
C VAL A 373 -2.74 -15.30 30.36
N THR A 374 -3.29 -16.36 30.92
CA THR A 374 -4.47 -16.97 30.32
C THR A 374 -5.70 -16.10 30.59
N ASP A 375 -6.53 -15.92 29.56
CA ASP A 375 -7.79 -15.23 29.72
C ASP A 375 -8.96 -16.18 29.94
N GLY A 376 -8.93 -17.35 29.33
CA GLY A 376 -9.95 -18.35 29.53
C GLY A 376 -9.34 -19.72 29.77
N VAL A 377 -10.23 -20.71 29.87
CA VAL A 377 -9.82 -22.09 30.06
C VAL A 377 -9.34 -22.66 28.72
N LEU A 378 -8.36 -23.56 28.79
CA LEU A 378 -7.75 -24.14 27.61
C LEU A 378 -8.24 -25.58 27.43
N ASP A 379 -7.86 -26.15 26.29
CA ASP A 379 -8.25 -27.52 25.95
C ASP A 379 -7.33 -28.03 24.85
N ARG A 380 -6.77 -29.22 25.05
CA ARG A 380 -5.85 -29.76 24.05
C ARG A 380 -6.61 -30.45 22.92
N GLU A 381 -7.70 -31.15 23.25
CA GLU A 381 -8.47 -31.87 22.24
C GLU A 381 -9.07 -30.90 21.22
N GLN A 382 -9.51 -29.73 21.69
CA GLN A 382 -10.09 -28.74 20.79
C GLN A 382 -9.00 -28.01 20.01
N ASN A 383 -8.08 -27.37 20.72
CA ASN A 383 -6.97 -26.64 20.11
C ASN A 383 -5.66 -27.02 20.79
N PRO A 384 -4.89 -27.95 20.21
CA PRO A 384 -3.64 -28.36 20.86
C PRO A 384 -2.46 -27.43 20.65
N GLU A 385 -2.48 -26.59 19.61
CA GLU A 385 -1.36 -25.72 19.30
C GLU A 385 -1.87 -24.33 18.94
N TYR A 386 -1.13 -23.31 19.34
CA TYR A 386 -1.50 -21.93 19.01
C TYR A 386 -0.28 -21.19 18.49
N ASN A 387 -0.49 -20.39 17.43
CA ASN A 387 0.51 -19.47 16.89
C ASN A 387 0.12 -18.05 17.27
N ILE A 388 0.76 -17.52 18.30
CA ILE A 388 0.44 -16.18 18.78
C ILE A 388 1.35 -15.17 18.10
N THR A 389 0.78 -14.03 17.70
CA THR A 389 1.51 -12.94 17.09
C THR A 389 1.47 -11.74 18.03
N ILE A 390 2.64 -11.13 18.25
CA ILE A 390 2.78 -9.98 19.12
C ILE A 390 3.30 -8.82 18.29
N ARG A 391 2.66 -7.66 18.42
CA ARG A 391 3.01 -6.48 17.65
C ARG A 391 3.44 -5.38 18.60
N ALA A 392 4.62 -4.78 18.33
CA ALA A 392 5.12 -3.66 19.10
C ALA A 392 5.25 -2.46 18.18
N THR A 393 4.63 -1.35 18.57
CA THR A 393 4.63 -0.13 17.77
C THR A 393 5.12 1.04 18.62
N ASP A 394 5.91 1.91 18.02
CA ASP A 394 6.38 3.11 18.70
C ASP A 394 5.46 4.29 18.40
N LYS A 395 5.81 5.46 18.93
CA LYS A 395 4.99 6.65 18.79
C LYS A 395 5.64 7.71 17.90
N GLY A 396 6.57 7.30 17.04
CA GLY A 396 7.11 8.18 16.03
C GLY A 396 6.18 8.37 14.85
N ASP A 397 6.50 9.35 14.02
CA ASP A 397 5.73 9.66 12.83
C ASP A 397 6.63 9.62 11.60
N PRO A 398 6.52 8.60 10.73
CA PRO A 398 5.63 7.45 10.88
C PRO A 398 6.17 6.39 11.85
N PRO A 399 5.29 5.62 12.47
CA PRO A 399 5.74 4.65 13.47
C PRO A 399 6.33 3.41 12.82
N LEU A 400 7.15 2.72 13.60
CA LEU A 400 7.77 1.46 13.19
C LEU A 400 7.24 0.33 14.06
N SER A 401 6.83 -0.76 13.43
CA SER A 401 6.25 -1.89 14.13
C SER A 401 7.14 -3.12 13.99
N SER A 402 6.91 -4.08 14.88
CA SER A 402 7.65 -5.34 14.87
C SER A 402 6.71 -6.46 15.31
N SER A 403 6.67 -7.53 14.52
CA SER A 403 5.81 -8.67 14.81
C SER A 403 6.67 -9.88 15.17
N SER A 404 6.17 -10.70 16.10
CA SER A 404 6.86 -11.91 16.51
C SER A 404 5.87 -13.03 16.75
N SER A 405 6.20 -14.22 16.28
CA SER A 405 5.32 -15.38 16.34
C SER A 405 5.87 -16.42 17.32
N VAL A 406 5.01 -16.88 18.22
CA VAL A 406 5.35 -17.91 19.20
C VAL A 406 4.46 -19.12 18.96
N THR A 407 5.06 -20.31 18.99
CA THR A 407 4.36 -21.57 18.84
C THR A 407 4.20 -22.23 20.22
N LEU A 408 3.00 -22.21 20.76
CA LEU A 408 2.73 -22.83 22.06
C LEU A 408 2.01 -24.16 21.88
N HIS A 409 2.51 -25.19 22.55
CA HIS A 409 1.92 -26.51 22.54
C HIS A 409 1.23 -26.79 23.87
N ILE A 410 0.02 -27.34 23.80
CA ILE A 410 -0.78 -27.66 24.98
C ILE A 410 -0.62 -29.14 25.30
N GLY A 411 -0.29 -29.44 26.56
CA GLY A 411 -0.13 -30.81 26.98
C GLY A 411 -1.46 -31.47 27.32
N ASP A 412 -1.45 -32.80 27.26
CA ASP A 412 -2.64 -33.59 27.54
C ASP A 412 -2.70 -33.94 29.03
N VAL A 413 -3.81 -33.60 29.68
CA VAL A 413 -4.08 -33.99 31.05
C VAL A 413 -5.20 -35.01 31.05
N ASN A 414 -5.06 -36.03 31.89
CA ASN A 414 -6.03 -37.13 31.96
C ASN A 414 -7.31 -36.63 32.61
N ASP A 415 -8.14 -35.97 31.80
CA ASP A 415 -9.42 -35.44 32.26
C ASP A 415 -10.62 -36.03 31.53
N ASN A 416 -10.40 -37.02 30.66
CA ASN A 416 -11.47 -37.66 29.91
C ASN A 416 -11.40 -39.16 30.12
N ALA A 417 -12.55 -39.77 30.47
CA ALA A 417 -12.64 -41.22 30.63
C ALA A 417 -13.02 -41.86 29.30
N PRO A 418 -12.56 -43.08 29.04
CA PRO A 418 -12.94 -43.76 27.80
C PRO A 418 -14.44 -44.00 27.74
N VAL A 419 -15.01 -43.81 26.55
CA VAL A 419 -16.45 -43.92 26.34
C VAL A 419 -16.71 -45.00 25.31
N PHE A 420 -17.65 -45.90 25.62
CA PHE A 420 -18.00 -46.95 24.68
C PHE A 420 -18.83 -46.39 23.53
N THR A 421 -18.80 -47.09 22.39
CA THR A 421 -19.52 -46.63 21.21
C THR A 421 -21.03 -46.78 21.38
N LYS A 422 -21.47 -47.76 22.15
CA LYS A 422 -22.89 -47.97 22.41
C LYS A 422 -23.13 -48.08 23.91
N VAL A 423 -24.34 -47.70 24.32
CA VAL A 423 -24.66 -47.71 25.75
C VAL A 423 -24.74 -49.13 26.27
N SER A 424 -25.48 -49.99 25.58
CA SER A 424 -25.60 -51.40 25.91
C SER A 424 -25.39 -52.20 24.63
N TYR A 425 -24.88 -53.42 24.80
CA TYR A 425 -24.58 -54.29 23.67
C TYR A 425 -25.45 -55.53 23.73
N LEU A 426 -25.84 -56.02 22.55
CA LEU A 426 -26.65 -57.22 22.42
C LEU A 426 -26.13 -58.00 21.23
N VAL A 427 -25.73 -59.24 21.45
CA VAL A 427 -25.14 -60.08 20.42
C VAL A 427 -25.71 -61.49 20.55
N HIS A 428 -26.16 -62.05 19.44
CA HIS A 428 -26.63 -63.44 19.39
C HIS A 428 -25.52 -64.32 18.84
N VAL A 429 -25.34 -65.48 19.46
CA VAL A 429 -24.32 -66.46 19.06
C VAL A 429 -25.00 -67.80 18.87
N ALA A 430 -24.75 -68.44 17.74
CA ALA A 430 -25.36 -69.73 17.43
C ALA A 430 -24.79 -70.82 18.34
N GLU A 431 -25.65 -71.78 18.67
CA GLU A 431 -25.25 -72.91 19.49
C GLU A 431 -24.23 -73.78 18.77
N ASN A 432 -23.47 -74.55 19.55
CA ASN A 432 -22.45 -75.46 19.02
C ASN A 432 -21.41 -74.71 18.21
N ASN A 433 -20.97 -73.55 18.72
CA ASN A 433 -19.95 -72.79 18.03
C ASN A 433 -18.57 -73.29 18.42
N PRO A 434 -17.60 -73.16 17.51
CA PRO A 434 -16.22 -73.60 17.82
C PRO A 434 -15.59 -72.70 18.85
N PRO A 435 -14.85 -73.27 19.80
CA PRO A 435 -14.22 -72.44 20.83
C PRO A 435 -13.06 -71.62 20.27
N GLY A 436 -12.81 -70.48 20.93
CA GLY A 436 -11.74 -69.60 20.50
C GLY A 436 -12.04 -68.80 19.25
N ALA A 437 -13.32 -68.54 18.97
CA ALA A 437 -13.74 -67.80 17.79
C ALA A 437 -14.28 -66.45 18.18
N SER A 438 -14.18 -65.49 17.26
CA SER A 438 -14.68 -64.14 17.51
C SER A 438 -16.21 -64.14 17.46
N ILE A 439 -16.83 -63.65 18.53
CA ILE A 439 -18.28 -63.53 18.57
C ILE A 439 -18.74 -62.09 18.41
N ALA A 440 -17.96 -61.13 18.92
CA ALA A 440 -18.29 -59.72 18.81
C ALA A 440 -17.03 -58.92 19.11
N GLN A 441 -17.13 -57.61 18.92
CA GLN A 441 -16.01 -56.72 19.20
C GLN A 441 -16.55 -55.37 19.66
N VAL A 442 -16.04 -54.89 20.80
CA VAL A 442 -16.41 -53.59 21.33
C VAL A 442 -15.24 -52.64 21.15
N SER A 443 -15.57 -51.37 20.93
CA SER A 443 -14.57 -50.33 20.71
C SER A 443 -14.90 -49.14 21.61
N ALA A 444 -13.90 -48.65 22.32
CA ALA A 444 -14.03 -47.47 23.15
C ALA A 444 -13.16 -46.35 22.58
N SER A 445 -13.61 -45.12 22.78
CA SER A 445 -12.90 -43.93 22.32
C SER A 445 -12.47 -43.11 23.52
N ASP A 446 -11.20 -42.72 23.52
CA ASP A 446 -10.64 -41.89 24.60
C ASP A 446 -10.06 -40.62 23.99
N PRO A 447 -10.62 -39.45 24.26
CA PRO A 447 -10.11 -38.23 23.62
C PRO A 447 -8.70 -37.84 24.05
N ASP A 448 -8.19 -38.40 25.15
CA ASP A 448 -6.87 -38.04 25.62
C ASP A 448 -5.79 -38.59 24.68
N LEU A 449 -4.57 -38.08 24.86
CA LEU A 449 -3.43 -38.46 24.05
C LEU A 449 -2.37 -39.11 24.93
N GLY A 450 -1.56 -39.97 24.31
CA GLY A 450 -0.56 -40.70 25.05
C GLY A 450 -1.13 -41.88 25.80
N ALA A 451 -0.51 -42.20 26.94
CA ALA A 451 -1.00 -43.29 27.77
C ALA A 451 -2.41 -43.03 28.27
N ASN A 452 -2.76 -41.75 28.50
CA ASN A 452 -4.11 -41.40 28.90
C ASN A 452 -5.14 -41.73 27.82
N GLY A 453 -4.70 -41.89 26.57
CA GLY A 453 -5.62 -42.21 25.49
C GLY A 453 -5.48 -43.63 25.00
N GLN A 454 -4.80 -44.48 25.76
CA GLN A 454 -4.60 -45.88 25.42
C GLN A 454 -5.62 -46.70 26.19
N VAL A 455 -6.62 -47.22 25.48
CA VAL A 455 -7.74 -47.92 26.11
C VAL A 455 -7.39 -49.40 26.27
N THR A 456 -7.87 -49.99 27.37
CA THR A 456 -7.72 -51.40 27.64
C THR A 456 -9.01 -51.92 28.23
N TYR A 457 -9.42 -53.12 27.81
CA TYR A 457 -10.70 -53.70 28.18
C TYR A 457 -10.50 -54.89 29.11
N TYR A 458 -11.39 -55.01 30.10
CA TYR A 458 -11.30 -56.06 31.10
C TYR A 458 -12.69 -56.58 31.42
N ILE A 459 -12.74 -57.78 31.98
CA ILE A 459 -13.98 -58.37 32.48
C ILE A 459 -13.98 -58.24 33.99
N ILE A 460 -15.08 -57.74 34.56
CA ILE A 460 -15.18 -57.51 35.99
C ILE A 460 -16.34 -58.29 36.61
N ALA A 461 -17.52 -58.25 35.98
CA ALA A 461 -18.68 -58.88 36.59
C ALA A 461 -19.42 -59.74 35.59
N SER A 462 -20.11 -60.75 36.11
CA SER A 462 -20.90 -61.64 35.28
C SER A 462 -21.93 -62.35 36.15
N ASP A 463 -23.08 -62.66 35.55
CA ASP A 463 -24.07 -63.48 36.23
C ASP A 463 -23.64 -64.95 36.29
N LEU A 464 -22.65 -65.34 35.50
CA LEU A 464 -22.11 -66.69 35.55
C LEU A 464 -21.29 -66.88 36.82
N GLU A 465 -20.80 -68.10 37.03
CA GLU A 465 -19.91 -68.35 38.14
C GLU A 465 -18.60 -67.59 37.92
N PRO A 466 -18.16 -66.78 38.89
CA PRO A 466 -16.93 -65.99 38.67
C PRO A 466 -15.67 -66.80 38.48
N GLU A 467 -15.65 -68.06 38.94
CA GLU A 467 -14.45 -68.87 38.83
C GLU A 467 -14.32 -69.51 37.45
N SER A 468 -15.44 -69.92 36.86
CA SER A 468 -15.46 -70.53 35.54
C SER A 468 -15.59 -69.51 34.42
N LEU A 469 -15.62 -68.22 34.77
CA LEU A 469 -15.76 -67.16 33.77
C LEU A 469 -14.68 -67.25 32.70
N TRP A 470 -13.45 -67.64 33.10
CA TRP A 470 -12.41 -67.86 32.10
C TRP A 470 -12.79 -69.00 31.17
N SER A 471 -13.36 -70.07 31.71
CA SER A 471 -13.79 -71.19 30.88
C SER A 471 -14.96 -70.82 29.99
N TYR A 472 -15.68 -69.73 30.32
CA TYR A 472 -16.82 -69.32 29.50
C TYR A 472 -16.39 -68.40 28.36
N VAL A 473 -15.81 -67.23 28.69
CA VAL A 473 -15.48 -66.21 27.70
C VAL A 473 -14.19 -65.51 28.12
N THR A 474 -13.53 -64.90 27.13
CA THR A 474 -12.35 -64.08 27.36
C THR A 474 -12.39 -62.88 26.43
N ILE A 475 -11.53 -61.91 26.71
CA ILE A 475 -11.45 -60.66 25.95
C ILE A 475 -10.00 -60.40 25.59
N ASN A 476 -9.76 -59.99 24.36
CA ASN A 476 -8.46 -59.44 23.97
C ASN A 476 -8.41 -58.01 24.48
N ALA A 477 -7.52 -57.77 25.45
CA ALA A 477 -7.52 -56.48 26.14
C ALA A 477 -7.08 -55.32 25.26
N GLN A 478 -6.33 -55.59 24.19
CA GLN A 478 -5.84 -54.53 23.32
C GLN A 478 -6.84 -54.18 22.21
N SER A 479 -7.43 -55.18 21.57
CA SER A 479 -8.33 -54.93 20.46
C SER A 479 -9.80 -54.88 20.88
N GLY A 480 -10.16 -55.52 21.98
CA GLY A 480 -11.54 -55.54 22.44
C GLY A 480 -12.40 -56.64 21.86
N VAL A 481 -11.81 -57.62 21.20
CA VAL A 481 -12.57 -58.71 20.59
C VAL A 481 -12.93 -59.73 21.66
N LEU A 482 -14.13 -60.30 21.57
CA LEU A 482 -14.60 -61.28 22.53
C LEU A 482 -14.40 -62.67 21.95
N PHE A 483 -13.81 -63.56 22.74
CA PHE A 483 -13.51 -64.92 22.31
C PHE A 483 -14.23 -65.91 23.21
N ALA A 484 -14.99 -66.82 22.59
CA ALA A 484 -15.70 -67.85 23.34
C ALA A 484 -14.74 -68.98 23.66
N GLN A 485 -14.62 -69.32 24.94
CA GLN A 485 -13.71 -70.35 25.40
C GLN A 485 -14.38 -71.72 25.54
N ARG A 486 -15.62 -71.85 25.09
CA ARG A 486 -16.32 -73.13 25.14
C ARG A 486 -17.45 -73.10 24.12
N ALA A 487 -17.85 -74.30 23.69
CA ALA A 487 -19.02 -74.43 22.83
C ALA A 487 -20.28 -74.25 23.66
N PHE A 488 -21.09 -73.25 23.30
CA PHE A 488 -22.25 -72.91 24.10
C PHE A 488 -23.36 -73.93 23.89
N ASP A 489 -24.20 -74.08 24.91
CA ASP A 489 -25.32 -75.02 24.89
C ASP A 489 -26.57 -74.25 25.26
N HIS A 490 -27.51 -74.14 24.30
CA HIS A 490 -28.75 -73.43 24.57
C HIS A 490 -29.60 -74.13 25.62
N GLU A 491 -29.47 -75.45 25.73
CA GLU A 491 -30.26 -76.19 26.71
C GLU A 491 -29.75 -75.93 28.13
N GLN A 492 -28.44 -75.80 28.30
CA GLN A 492 -27.88 -75.53 29.61
C GLN A 492 -28.17 -74.10 30.04
N LEU A 493 -27.73 -73.13 29.23
CA LEU A 493 -27.98 -71.72 29.49
C LEU A 493 -28.43 -71.04 28.20
N ARG A 494 -29.40 -70.15 28.31
CA ARG A 494 -29.92 -69.44 27.14
C ARG A 494 -29.15 -68.16 26.90
N SER A 495 -28.85 -67.44 27.96
CA SER A 495 -28.18 -66.15 27.89
C SER A 495 -27.39 -65.93 29.16
N PHE A 496 -26.52 -64.92 29.12
CA PHE A 496 -25.81 -64.50 30.32
C PHE A 496 -25.43 -63.04 30.21
N GLN A 497 -25.40 -62.39 31.37
CA GLN A 497 -25.03 -60.99 31.51
C GLN A 497 -23.54 -60.84 31.76
N LEU A 498 -22.97 -59.74 31.26
CA LEU A 498 -21.58 -59.39 31.53
C LEU A 498 -21.50 -57.89 31.79
N THR A 499 -20.65 -57.51 32.73
CA THR A 499 -20.34 -56.12 32.99
C THR A 499 -18.84 -55.97 32.82
N LEU A 500 -18.44 -55.06 31.93
CA LEU A 500 -17.05 -54.85 31.54
C LEU A 500 -16.67 -53.40 31.79
N GLN A 501 -15.37 -53.15 31.90
CA GLN A 501 -14.87 -51.81 32.17
C GLN A 501 -13.71 -51.48 31.23
N ALA A 502 -13.77 -50.31 30.62
CA ALA A 502 -12.67 -49.78 29.82
C ALA A 502 -11.92 -48.75 30.65
N ARG A 503 -10.59 -48.87 30.67
CA ARG A 503 -9.73 -48.04 31.49
C ARG A 503 -8.50 -47.65 30.70
N ASP A 504 -8.02 -46.43 30.91
CA ASP A 504 -6.79 -45.97 30.29
C ASP A 504 -5.61 -46.21 31.23
N HIS A 505 -4.40 -45.97 30.72
CA HIS A 505 -3.19 -46.20 31.49
C HIS A 505 -2.59 -44.90 31.98
N GLY A 506 -3.42 -44.04 32.56
CA GLY A 506 -2.98 -42.77 33.11
C GLY A 506 -2.86 -42.81 34.62
N SER A 507 -2.60 -41.63 35.19
CA SER A 507 -2.50 -41.47 36.64
C SER A 507 -3.28 -40.22 37.04
N PRO A 508 -4.47 -40.37 37.66
CA PRO A 508 -5.09 -41.66 37.96
C PRO A 508 -5.85 -42.27 36.78
N THR A 509 -6.21 -43.55 36.89
CA THR A 509 -6.93 -44.23 35.82
C THR A 509 -8.41 -43.90 35.88
N LEU A 510 -8.99 -43.66 34.69
CA LEU A 510 -10.42 -43.40 34.55
C LEU A 510 -11.09 -44.60 33.91
N SER A 511 -12.23 -45.00 34.46
CA SER A 511 -12.92 -46.21 34.03
C SER A 511 -14.30 -45.87 33.51
N ALA A 512 -14.85 -46.79 32.71
CA ALA A 512 -16.23 -46.70 32.26
C ALA A 512 -16.79 -48.11 32.14
N ASN A 513 -18.00 -48.30 32.66
CA ASN A 513 -18.63 -49.61 32.73
C ASN A 513 -19.74 -49.74 31.69
N VAL A 514 -19.79 -50.91 31.05
CA VAL A 514 -20.81 -51.23 30.07
C VAL A 514 -21.39 -52.60 30.38
N SER A 515 -22.67 -52.76 30.07
CA SER A 515 -23.40 -54.00 30.30
C SER A 515 -23.75 -54.63 28.95
N MET A 516 -23.48 -55.92 28.81
CA MET A 516 -23.76 -56.64 27.58
C MET A 516 -24.44 -57.97 27.91
N ARG A 517 -25.57 -58.22 27.26
CA ARG A 517 -26.28 -59.49 27.40
C ARG A 517 -26.01 -60.33 26.16
N LEU A 518 -25.56 -61.57 26.37
CA LEU A 518 -25.25 -62.47 25.27
C LEU A 518 -26.27 -63.60 25.27
N LEU A 519 -26.90 -63.82 24.12
CA LEU A 519 -27.93 -64.85 23.96
C LEU A 519 -27.39 -65.98 23.10
N VAL A 520 -27.78 -67.20 23.42
CA VAL A 520 -27.37 -68.38 22.69
C VAL A 520 -28.50 -68.78 21.75
N GLY A 521 -28.25 -68.71 20.45
CA GLY A 521 -29.27 -69.10 19.49
C GLY A 521 -29.46 -70.60 19.48
N ASP A 522 -30.72 -71.01 19.47
CA ASP A 522 -31.06 -72.42 19.57
C ASP A 522 -30.92 -73.11 18.22
N ARG A 523 -30.29 -74.28 18.23
CA ARG A 523 -30.20 -75.15 17.06
C ARG A 523 -30.92 -76.46 17.39
N ASN A 524 -31.49 -77.08 16.37
CA ASN A 524 -32.26 -78.32 16.55
C ASN A 524 -31.29 -79.50 16.57
N ASP A 525 -30.56 -79.62 17.67
CA ASP A 525 -29.54 -80.64 17.83
C ASP A 525 -29.94 -81.76 18.79
N ASN A 526 -31.10 -81.67 19.41
CA ASN A 526 -31.59 -82.72 20.31
C ASN A 526 -32.86 -83.31 19.73
N ALA A 527 -32.89 -84.63 19.63
CA ALA A 527 -34.08 -85.30 19.12
C ALA A 527 -35.12 -85.45 20.23
N PRO A 528 -36.41 -85.43 19.87
CA PRO A 528 -37.45 -85.63 20.88
C PRO A 528 -37.40 -87.06 21.41
N ARG A 529 -37.58 -87.20 22.71
CA ARG A 529 -37.53 -88.51 23.36
C ARG A 529 -38.88 -88.80 24.00
N VAL A 530 -39.34 -90.03 23.82
CA VAL A 530 -40.66 -90.45 24.30
C VAL A 530 -40.52 -90.97 25.72
N LEU A 531 -41.35 -90.44 26.63
CA LEU A 531 -41.29 -90.83 28.03
C LEU A 531 -42.15 -92.08 28.26
N TYR A 532 -43.47 -91.94 28.09
CA TYR A 532 -44.39 -93.04 28.30
C TYR A 532 -45.22 -93.27 27.06
N PRO A 533 -45.41 -94.53 26.63
CA PRO A 533 -44.86 -95.71 27.31
C PRO A 533 -43.42 -96.03 26.91
N THR A 534 -42.75 -96.86 27.72
CA THR A 534 -41.41 -97.31 27.43
C THR A 534 -41.45 -98.39 26.35
N LEU A 535 -40.41 -98.42 25.52
CA LEU A 535 -40.33 -99.34 24.40
C LEU A 535 -39.21 -100.35 24.60
N GLU A 536 -39.45 -101.58 24.13
CA GLU A 536 -38.43 -102.61 24.09
C GLU A 536 -37.45 -102.31 22.97
N PRO A 537 -36.28 -102.99 22.95
CA PRO A 537 -35.31 -102.80 21.86
C PRO A 537 -35.91 -102.70 20.47
N ASP A 538 -36.97 -103.47 20.19
CA ASP A 538 -37.66 -103.36 18.91
C ASP A 538 -38.43 -102.04 18.80
N GLY A 539 -38.78 -101.42 19.92
CA GLY A 539 -39.60 -100.22 19.89
C GLY A 539 -41.09 -100.52 19.90
N SER A 540 -41.50 -101.55 20.63
CA SER A 540 -42.89 -101.99 20.66
C SER A 540 -43.45 -101.86 22.07
N ALA A 541 -44.71 -101.45 22.16
CA ALA A 541 -45.45 -101.37 23.41
C ALA A 541 -46.78 -102.09 23.24
N LEU A 542 -47.20 -102.80 24.29
CA LEU A 542 -48.39 -103.65 24.26
C LEU A 542 -49.41 -103.14 25.25
N PHE A 543 -50.57 -102.73 24.76
CA PHE A 543 -51.71 -102.31 25.58
C PHE A 543 -52.89 -103.21 25.20
N ASP A 544 -53.00 -104.35 25.88
CA ASP A 544 -54.02 -105.34 25.58
C ASP A 544 -55.23 -105.16 26.50
N MET A 545 -56.12 -106.16 26.49
CA MET A 545 -57.34 -106.16 27.29
C MET A 545 -58.20 -104.93 27.01
N VAL A 546 -58.22 -104.49 25.76
CA VAL A 546 -59.01 -103.34 25.33
C VAL A 546 -60.40 -103.85 24.96
N PRO A 547 -61.46 -103.27 25.51
CA PRO A 547 -62.81 -103.76 25.21
C PRO A 547 -63.21 -103.47 23.77
N ARG A 548 -63.82 -104.48 23.13
CA ARG A 548 -64.31 -104.31 21.77
C ARG A 548 -65.55 -103.43 21.75
N SER A 549 -66.41 -103.56 22.76
CA SER A 549 -67.62 -102.77 22.88
C SER A 549 -67.36 -101.34 23.34
N ALA A 550 -66.14 -100.84 23.14
CA ALA A 550 -65.80 -99.48 23.57
C ALA A 550 -66.49 -98.47 22.66
N GLU A 551 -67.13 -97.48 23.28
CA GLU A 551 -67.79 -96.42 22.53
C GLU A 551 -66.76 -95.53 21.84
N PRO A 552 -67.12 -94.92 20.71
CA PRO A 552 -66.19 -94.01 20.02
C PRO A 552 -65.75 -92.88 20.95
N GLY A 553 -64.48 -92.51 20.84
CA GLY A 553 -63.88 -91.59 21.79
C GLY A 553 -63.21 -92.26 22.96
N TYR A 554 -63.15 -93.59 22.97
CA TYR A 554 -62.55 -94.33 24.08
C TYR A 554 -61.04 -94.08 24.11
N LEU A 555 -60.54 -93.64 25.27
CA LEU A 555 -59.13 -93.32 25.42
C LEU A 555 -58.34 -94.62 25.50
N VAL A 556 -57.71 -95.01 24.40
CA VAL A 556 -56.85 -96.18 24.41
C VAL A 556 -55.62 -95.91 25.28
N THR A 557 -54.88 -94.85 24.96
CA THR A 557 -53.78 -94.39 25.80
C THR A 557 -53.45 -92.96 25.39
N LYS A 558 -52.40 -92.40 26.00
CA LYS A 558 -51.89 -91.09 25.61
C LYS A 558 -50.37 -91.13 25.71
N VAL A 559 -49.71 -90.64 24.66
CA VAL A 559 -48.26 -90.62 24.58
C VAL A 559 -47.73 -89.29 25.09
N VAL A 560 -46.72 -89.34 25.95
CA VAL A 560 -46.03 -88.16 26.44
C VAL A 560 -44.60 -88.19 25.93
N ALA A 561 -44.15 -87.05 25.39
CA ALA A 561 -42.80 -86.93 24.86
C ALA A 561 -42.26 -85.55 25.21
N VAL A 562 -40.93 -85.45 25.28
CA VAL A 562 -40.28 -84.19 25.60
C VAL A 562 -39.16 -83.91 24.61
N ASP A 563 -38.73 -82.65 24.59
CA ASP A 563 -37.64 -82.20 23.74
C ASP A 563 -36.78 -81.24 24.54
N ALA A 564 -35.47 -81.47 24.54
CA ALA A 564 -34.56 -80.66 25.34
C ALA A 564 -34.43 -79.23 24.81
N ASP A 565 -34.77 -78.98 23.55
CA ASP A 565 -34.62 -77.67 22.95
C ASP A 565 -35.72 -76.72 23.44
N SER A 566 -35.83 -75.57 22.78
CA SER A 566 -36.85 -74.59 23.09
C SER A 566 -37.35 -73.96 21.81
N GLY A 567 -38.61 -73.51 21.82
CA GLY A 567 -39.20 -72.90 20.65
C GLY A 567 -39.70 -73.92 19.65
N HIS A 568 -39.57 -73.60 18.36
CA HIS A 568 -40.00 -74.53 17.32
C HIS A 568 -39.25 -75.84 17.38
N ASN A 569 -38.01 -75.82 17.89
CA ASN A 569 -37.24 -77.06 18.01
C ASN A 569 -37.80 -77.98 19.09
N ALA A 570 -38.65 -77.47 19.99
CA ALA A 570 -39.26 -78.31 21.01
C ALA A 570 -40.78 -78.45 20.87
N TRP A 571 -41.37 -77.87 19.82
CA TRP A 571 -42.82 -77.94 19.61
C TRP A 571 -43.15 -79.31 19.05
N LEU A 572 -43.69 -80.20 19.88
CA LEU A 572 -43.92 -81.58 19.49
C LEU A 572 -45.33 -81.75 18.95
N SER A 573 -45.43 -82.22 17.71
CA SER A 573 -46.69 -82.56 17.06
C SER A 573 -46.68 -84.04 16.72
N TYR A 574 -47.80 -84.71 16.99
CA TYR A 574 -47.89 -86.15 16.85
C TYR A 574 -48.65 -86.51 15.57
N HIS A 575 -48.02 -87.35 14.74
CA HIS A 575 -48.60 -87.76 13.47
C HIS A 575 -48.76 -89.27 13.44
N VAL A 576 -49.38 -89.76 12.37
CA VAL A 576 -49.61 -91.20 12.17
C VAL A 576 -48.87 -91.60 10.90
N LEU A 577 -47.72 -92.25 11.05
CA LEU A 577 -46.97 -92.71 9.88
C LEU A 577 -47.69 -93.84 9.17
N GLN A 578 -48.01 -94.91 9.90
CA GLN A 578 -48.64 -96.07 9.28
C GLN A 578 -49.62 -96.70 10.25
N ALA A 579 -50.56 -97.46 9.70
CA ALA A 579 -51.60 -98.10 10.49
C ALA A 579 -52.08 -99.35 9.77
N SER A 580 -52.42 -100.38 10.55
CA SER A 580 -53.02 -101.57 9.96
C SER A 580 -54.45 -101.30 9.51
N ASP A 581 -55.11 -100.34 10.13
CA ASP A 581 -56.46 -99.93 9.76
C ASP A 581 -56.57 -98.41 9.82
N PRO A 582 -56.71 -97.74 8.68
CA PRO A 582 -56.90 -96.29 8.69
C PRO A 582 -58.34 -95.94 9.03
N GLY A 583 -58.49 -94.90 9.86
CA GLY A 583 -59.79 -94.48 10.32
C GLY A 583 -60.29 -95.18 11.56
N LEU A 584 -59.64 -96.28 11.97
CA LEU A 584 -60.05 -96.97 13.19
C LEU A 584 -59.47 -96.33 14.43
N PHE A 585 -58.30 -95.72 14.31
CA PHE A 585 -57.62 -95.07 15.43
C PHE A 585 -57.52 -93.58 15.18
N SER A 586 -57.65 -92.78 16.23
CA SER A 586 -57.56 -91.33 16.14
C SER A 586 -56.46 -90.84 17.07
N LEU A 587 -55.57 -89.99 16.56
CA LEU A 587 -54.45 -89.46 17.31
C LEU A 587 -54.60 -87.96 17.46
N GLY A 588 -54.23 -87.45 18.64
CA GLY A 588 -54.22 -86.03 18.86
C GLY A 588 -52.97 -85.38 18.28
N LEU A 589 -53.16 -84.52 17.29
CA LEU A 589 -52.03 -83.84 16.67
C LEU A 589 -51.24 -83.03 17.68
N ARG A 590 -51.93 -82.49 18.69
CA ARG A 590 -51.30 -81.69 19.74
C ARG A 590 -51.19 -82.41 21.08
N THR A 591 -52.23 -83.14 21.48
CA THR A 591 -52.24 -83.79 22.79
C THR A 591 -51.53 -85.13 22.78
N GLY A 592 -51.60 -85.87 21.67
CA GLY A 592 -50.98 -87.18 21.61
C GLY A 592 -51.83 -88.29 22.18
N GLU A 593 -53.14 -88.10 22.26
CA GLU A 593 -54.04 -89.10 22.81
C GLU A 593 -54.47 -90.06 21.71
N VAL A 594 -54.18 -91.34 21.90
CA VAL A 594 -54.62 -92.37 20.97
C VAL A 594 -55.95 -92.92 21.46
N ARG A 595 -57.00 -92.72 20.67
CA ARG A 595 -58.36 -93.11 20.97
C ARG A 595 -58.93 -93.92 19.81
N THR A 596 -60.16 -94.40 19.98
CA THR A 596 -60.88 -95.06 18.91
C THR A 596 -61.75 -94.02 18.20
N ALA A 597 -61.72 -94.04 16.87
CA ALA A 597 -62.49 -93.10 16.07
C ALA A 597 -63.86 -93.65 15.68
N ARG A 598 -63.94 -94.95 15.40
CA ARG A 598 -65.17 -95.60 15.00
C ARG A 598 -65.36 -96.88 15.80
N ALA A 599 -66.54 -97.46 15.67
CA ALA A 599 -66.83 -98.71 16.36
C ALA A 599 -66.08 -99.87 15.71
N LEU A 600 -65.72 -100.85 16.53
CA LEU A 600 -64.95 -102.00 16.07
C LEU A 600 -65.89 -103.00 15.38
N GLY A 601 -65.67 -103.20 14.08
CA GLY A 601 -66.42 -104.20 13.36
C GLY A 601 -65.85 -105.61 13.54
N ASP A 602 -66.70 -106.60 13.32
CA ASP A 602 -66.27 -107.99 13.47
C ASP A 602 -65.31 -108.40 12.36
N ARG A 603 -65.38 -107.76 11.19
CA ARG A 603 -64.45 -108.06 10.12
C ARG A 603 -63.02 -107.75 10.52
N ASP A 604 -62.83 -106.67 11.27
CA ASP A 604 -61.49 -106.25 11.68
C ASP A 604 -60.87 -107.25 12.64
N SER A 605 -59.55 -107.40 12.54
CA SER A 605 -58.81 -108.32 13.38
C SER A 605 -58.77 -107.81 14.82
N ALA A 606 -58.49 -108.74 15.75
CA ALA A 606 -58.45 -108.37 17.16
C ALA A 606 -57.18 -107.61 17.50
N ARG A 607 -56.08 -107.88 16.80
CA ARG A 607 -54.81 -107.21 17.04
C ARG A 607 -54.59 -106.13 15.98
N GLN A 608 -54.34 -104.90 16.45
CA GLN A 608 -54.11 -103.75 15.58
C GLN A 608 -52.75 -103.15 15.88
N ARG A 609 -51.97 -102.89 14.83
CA ARG A 609 -50.63 -102.35 14.95
C ARG A 609 -50.61 -100.94 14.38
N LEU A 610 -49.87 -100.04 15.04
CA LEU A 610 -49.80 -98.64 14.67
C LEU A 610 -48.35 -98.19 14.72
N LEU A 611 -47.99 -97.26 13.83
CA LEU A 611 -46.64 -96.71 13.76
C LEU A 611 -46.73 -95.21 13.68
N VAL A 612 -46.23 -94.52 14.71
CA VAL A 612 -46.32 -93.08 14.80
C VAL A 612 -44.91 -92.51 14.94
N ALA A 613 -44.82 -91.19 14.76
CA ALA A 613 -43.56 -90.47 14.89
C ALA A 613 -43.78 -89.16 15.62
N VAL A 614 -42.95 -88.89 16.62
CA VAL A 614 -42.96 -87.62 17.32
C VAL A 614 -41.98 -86.70 16.60
N ARG A 615 -42.49 -85.57 16.12
CA ARG A 615 -41.70 -84.60 15.37
C ARG A 615 -41.72 -83.25 16.08
N ASP A 616 -40.69 -82.46 15.81
CA ASP A 616 -40.61 -81.09 16.26
C ASP A 616 -40.68 -80.13 15.08
N GLY A 617 -41.02 -78.88 15.37
CA GLY A 617 -41.13 -77.85 14.36
C GLY A 617 -39.82 -77.28 13.87
N GLY A 618 -38.70 -77.86 14.25
CA GLY A 618 -37.41 -77.37 13.82
C GLY A 618 -37.15 -77.59 12.35
N GLN A 619 -36.09 -76.96 11.86
CA GLN A 619 -35.71 -77.03 10.46
C GLN A 619 -34.30 -77.58 10.32
N PRO A 620 -34.12 -78.83 9.88
CA PRO A 620 -35.18 -79.79 9.54
C PRO A 620 -35.77 -80.48 10.77
N PRO A 621 -36.98 -81.03 10.65
CA PRO A 621 -37.61 -81.65 11.81
C PRO A 621 -36.94 -82.96 12.19
N LEU A 622 -36.83 -83.19 13.50
CA LEU A 622 -36.31 -84.43 14.04
C LEU A 622 -37.46 -85.32 14.48
N SER A 623 -37.35 -86.62 14.20
CA SER A 623 -38.43 -87.55 14.45
C SER A 623 -37.96 -88.70 15.33
N ALA A 624 -38.88 -89.19 16.16
CA ALA A 624 -38.67 -90.39 16.96
C ALA A 624 -39.82 -91.34 16.65
N THR A 625 -39.49 -92.51 16.11
CA THR A 625 -40.50 -93.46 15.67
C THR A 625 -40.90 -94.40 16.79
N ALA A 626 -42.13 -94.90 16.73
CA ALA A 626 -42.63 -95.79 17.77
C ALA A 626 -43.73 -96.67 17.20
N THR A 627 -43.78 -97.91 17.69
CA THR A 627 -44.76 -98.91 17.28
C THR A 627 -45.62 -99.27 18.48
N LEU A 628 -46.94 -99.30 18.26
CA LEU A 628 -47.91 -99.63 19.29
C LEU A 628 -48.73 -100.85 18.86
N HIS A 629 -48.75 -101.87 19.70
CA HIS A 629 -49.58 -103.05 19.52
C HIS A 629 -50.77 -102.98 20.47
N LEU A 630 -51.98 -103.05 19.93
CA LEU A 630 -53.20 -102.96 20.72
C LEU A 630 -54.05 -104.19 20.45
N ILE A 631 -54.36 -104.94 21.50
CA ILE A 631 -55.08 -106.20 21.37
C ILE A 631 -56.40 -106.09 22.12
N PHE A 632 -57.48 -106.53 21.49
CA PHE A 632 -58.79 -106.59 22.10
C PHE A 632 -59.03 -107.97 22.71
N ALA A 633 -60.14 -108.09 23.44
CA ALA A 633 -60.48 -109.34 24.10
C ALA A 633 -61.99 -109.54 24.08
N ASP A 634 -62.38 -110.81 23.97
CA ASP A 634 -63.80 -111.21 23.97
C ASP A 634 -64.62 -110.47 22.92
N GLN B 2 22.71 104.31 -65.11
CA GLN B 2 23.69 103.22 -65.00
C GLN B 2 23.64 102.31 -66.21
N ILE B 3 24.56 101.35 -66.27
CA ILE B 3 24.62 100.38 -67.34
C ILE B 3 24.62 98.98 -66.72
N ARG B 4 24.10 98.02 -67.47
CA ARG B 4 23.93 96.65 -66.98
C ARG B 4 24.56 95.67 -67.96
N TYR B 5 25.23 94.66 -67.40
CA TYR B 5 25.81 93.57 -68.18
C TYR B 5 25.25 92.25 -67.70
N LYS B 6 25.29 91.25 -68.58
CA LYS B 6 24.75 89.93 -68.30
C LYS B 6 25.77 88.86 -68.67
N ILE B 7 26.16 88.06 -67.69
CA ILE B 7 27.06 86.91 -67.90
C ILE B 7 26.58 85.75 -67.06
N PRO B 8 26.99 84.53 -67.40
CA PRO B 8 26.65 83.38 -66.55
C PRO B 8 27.61 83.29 -65.37
N GLU B 9 27.11 82.71 -64.28
CA GLU B 9 27.94 82.52 -63.10
C GLU B 9 28.96 81.42 -63.37
N GLU B 10 29.85 81.23 -62.39
CA GLU B 10 30.97 80.28 -62.51
C GLU B 10 31.82 80.59 -63.75
N MET B 11 31.86 81.87 -64.13
CA MET B 11 32.57 82.26 -65.34
C MET B 11 34.08 82.17 -65.12
N PRO B 12 34.84 81.65 -66.09
CA PRO B 12 36.30 81.58 -65.92
C PRO B 12 36.91 82.98 -65.86
N THR B 13 38.07 83.05 -65.21
CA THR B 13 38.77 84.31 -65.04
C THR B 13 39.30 84.82 -66.38
N GLY B 14 39.44 86.14 -66.47
CA GLY B 14 39.91 86.76 -67.70
C GLY B 14 38.93 86.75 -68.84
N SER B 15 37.63 86.72 -68.53
CA SER B 15 36.59 86.74 -69.55
C SER B 15 36.00 88.14 -69.67
N VAL B 16 35.77 88.57 -70.90
CA VAL B 16 35.29 89.93 -71.17
C VAL B 16 33.82 90.03 -70.81
N VAL B 17 33.51 90.87 -69.81
CA VAL B 17 32.12 91.16 -69.51
C VAL B 17 31.59 92.25 -70.43
N GLY B 18 32.46 93.15 -70.88
CA GLY B 18 32.08 94.25 -71.75
C GLY B 18 33.07 95.38 -71.70
N ASN B 19 33.18 96.15 -72.78
CA ASN B 19 34.10 97.27 -72.83
C ASN B 19 33.43 98.51 -72.25
N LEU B 20 33.96 98.99 -71.14
CA LEU B 20 33.42 100.20 -70.51
C LEU B 20 33.82 101.47 -71.24
N ALA B 21 34.88 101.40 -72.06
CA ALA B 21 35.29 102.57 -72.82
C ALA B 21 34.21 102.99 -73.83
N LYS B 22 33.53 102.00 -74.42
CA LYS B 22 32.49 102.31 -75.41
C LYS B 22 31.18 102.75 -74.76
N ASP B 23 30.89 102.27 -73.54
CA ASP B 23 29.65 102.61 -72.87
C ASP B 23 29.76 103.88 -72.02
N LEU B 24 30.97 104.30 -71.66
CA LEU B 24 31.15 105.50 -70.85
C LEU B 24 31.74 106.67 -71.63
N GLY B 25 32.11 106.47 -72.90
CA GLY B 25 32.63 107.53 -73.74
C GLY B 25 34.02 108.01 -73.37
N PHE B 26 34.97 107.09 -73.32
CA PHE B 26 36.37 107.40 -73.05
C PHE B 26 37.23 106.78 -74.15
N SER B 27 38.10 107.59 -74.75
CA SER B 27 38.93 107.13 -75.85
C SER B 27 39.99 106.16 -75.37
N VAL B 28 40.64 105.50 -76.33
CA VAL B 28 41.69 104.54 -76.01
C VAL B 28 42.93 105.24 -75.44
N GLN B 29 43.13 106.52 -75.74
CA GLN B 29 44.20 107.30 -75.15
C GLN B 29 43.75 108.11 -73.94
N GLU B 30 42.47 108.49 -73.88
CA GLU B 30 41.95 109.16 -72.69
C GLU B 30 41.87 108.21 -71.50
N LEU B 31 41.89 106.91 -71.73
CA LEU B 31 41.71 105.92 -70.69
C LEU B 31 42.96 105.72 -69.83
N PRO B 32 44.16 105.53 -70.40
CA PRO B 32 45.35 105.35 -69.55
C PRO B 32 45.66 106.54 -68.66
N THR B 33 45.18 107.74 -69.01
CA THR B 33 45.40 108.89 -68.14
C THR B 33 44.68 108.73 -66.81
N ARG B 34 43.45 108.22 -66.84
CA ARG B 34 42.69 107.96 -65.63
C ARG B 34 43.00 106.54 -65.15
N LYS B 35 43.36 106.42 -63.88
CA LYS B 35 43.70 105.12 -63.31
C LYS B 35 42.40 104.40 -62.94
N LEU B 36 41.88 103.63 -63.90
CA LEU B 36 40.64 102.88 -63.69
C LEU B 36 40.85 101.82 -62.62
N ARG B 37 40.04 101.88 -61.57
CA ARG B 37 40.13 100.93 -60.47
C ARG B 37 38.74 100.48 -60.07
N ILE B 38 38.53 99.18 -60.02
CA ILE B 38 37.25 98.62 -59.57
C ILE B 38 37.18 98.68 -58.06
N SER B 39 36.08 99.22 -57.54
CA SER B 39 35.84 99.35 -56.12
C SER B 39 34.68 98.45 -55.74
N SER B 40 34.96 97.47 -54.87
CA SER B 40 33.94 96.55 -54.39
C SER B 40 34.41 95.97 -53.06
N GLU B 41 33.45 95.44 -52.31
CA GLU B 41 33.79 94.80 -51.03
C GLU B 41 34.65 93.56 -51.26
N LYS B 42 34.25 92.70 -52.20
CA LYS B 42 35.03 91.56 -52.62
C LYS B 42 35.46 91.74 -54.07
N PRO B 43 36.75 91.60 -54.38
CA PRO B 43 37.22 91.88 -55.75
C PRO B 43 36.80 90.82 -56.76
N TYR B 44 35.52 90.81 -57.13
CA TYR B 44 35.05 89.88 -58.14
C TYR B 44 35.40 90.30 -59.56
N PHE B 45 35.69 91.58 -59.78
CA PHE B 45 35.99 92.10 -61.11
C PHE B 45 37.30 92.88 -61.10
N SER B 46 37.81 93.14 -62.29
CA SER B 46 39.01 93.94 -62.46
C SER B 46 39.02 94.57 -63.84
N VAL B 47 39.64 95.75 -63.94
CA VAL B 47 39.76 96.46 -65.20
C VAL B 47 41.22 96.50 -65.59
N SER B 48 41.58 95.79 -66.66
CA SER B 48 42.90 95.92 -67.26
C SER B 48 42.96 97.24 -68.03
N SER B 49 43.79 98.16 -67.56
CA SER B 49 43.84 99.50 -68.14
C SER B 49 44.20 99.45 -69.62
N GLU B 50 45.08 98.52 -70.01
CA GLU B 50 45.47 98.43 -71.42
C GLU B 50 44.29 98.06 -72.30
N SER B 51 43.46 97.11 -71.88
CA SER B 51 42.32 96.68 -72.69
C SER B 51 41.15 97.65 -72.57
N GLY B 52 40.97 98.27 -71.41
CA GLY B 52 39.87 99.20 -71.22
C GLY B 52 38.51 98.56 -71.10
N GLU B 53 38.44 97.32 -70.66
CA GLU B 53 37.19 96.59 -70.53
C GLU B 53 37.14 95.92 -69.16
N LEU B 54 35.95 95.42 -68.81
CA LEU B 54 35.77 94.70 -67.55
C LEU B 54 36.19 93.25 -67.74
N LEU B 55 36.73 92.67 -66.66
CA LEU B 55 37.18 91.28 -66.68
C LEU B 55 36.81 90.62 -65.36
N VAL B 56 36.50 89.32 -65.44
CA VAL B 56 36.15 88.56 -64.25
C VAL B 56 37.42 88.25 -63.47
N SER B 57 37.36 88.44 -62.15
CA SER B 57 38.52 88.21 -61.30
C SER B 57 38.25 86.97 -60.46
N SER B 58 37.64 87.10 -59.28
CA SER B 58 37.37 85.95 -58.43
C SER B 58 36.22 85.11 -59.00
N ARG B 59 36.10 83.89 -58.48
CA ARG B 59 35.01 83.02 -58.88
C ARG B 59 33.67 83.58 -58.42
N LEU B 60 32.69 83.54 -59.31
CA LEU B 60 31.37 84.14 -59.08
C LEU B 60 30.38 83.04 -58.69
N ASP B 61 30.28 82.75 -57.40
CA ASP B 61 29.37 81.74 -56.90
C ASP B 61 28.06 82.41 -56.48
N ARG B 62 27.03 82.22 -57.30
CA ARG B 62 25.72 82.81 -57.01
C ARG B 62 25.11 82.20 -55.75
N GLU B 63 25.30 80.89 -55.55
CA GLU B 63 24.73 80.24 -54.38
C GLU B 63 25.39 80.72 -53.09
N GLN B 64 26.64 81.16 -53.16
CA GLN B 64 27.31 81.71 -51.99
C GLN B 64 27.06 83.21 -51.80
N ILE B 65 26.71 83.92 -52.87
CA ILE B 65 26.43 85.35 -52.75
C ILE B 65 24.94 85.58 -52.56
N CYS B 66 24.16 85.43 -53.63
CA CYS B 66 22.72 85.68 -53.55
C CYS B 66 21.95 84.47 -53.03
N GLY B 67 22.38 83.26 -53.38
CA GLY B 67 21.67 82.08 -52.92
C GLY B 67 20.34 81.87 -53.61
N LYS B 68 19.25 82.07 -52.87
CA LYS B 68 17.90 81.90 -53.40
C LYS B 68 17.33 83.19 -53.98
N LYS B 69 18.08 84.30 -53.94
CA LYS B 69 17.58 85.55 -54.47
C LYS B 69 17.19 85.39 -55.94
N LEU B 70 16.03 85.95 -56.29
CA LEU B 70 15.51 85.81 -57.64
C LEU B 70 16.47 86.38 -58.67
N MET B 71 16.78 87.66 -58.56
CA MET B 71 17.74 88.34 -59.43
C MET B 71 18.94 88.77 -58.60
N CYS B 72 20.13 88.43 -59.08
CA CYS B 72 21.38 88.74 -58.39
C CYS B 72 21.98 89.98 -59.06
N ALA B 73 21.78 91.14 -58.44
CA ALA B 73 22.26 92.41 -58.98
C ALA B 73 23.36 92.95 -58.06
N LEU B 74 24.61 92.76 -58.47
CA LEU B 74 25.76 93.26 -57.72
C LEU B 74 26.14 94.64 -58.25
N GLU B 75 26.14 95.64 -57.36
CA GLU B 75 26.45 97.01 -57.72
C GLU B 75 27.84 97.34 -57.17
N PHE B 76 28.81 97.46 -58.08
CA PHE B 76 30.17 97.86 -57.74
C PHE B 76 30.44 99.24 -58.35
N GLU B 77 31.64 99.75 -58.14
CA GLU B 77 31.99 101.07 -58.65
C GLU B 77 33.27 101.01 -59.47
N ALA B 78 33.46 102.05 -60.28
CA ALA B 78 34.67 102.23 -61.08
C ALA B 78 35.17 103.65 -60.83
N VAL B 79 36.40 103.75 -60.33
CA VAL B 79 37.01 105.04 -59.98
C VAL B 79 38.02 105.40 -61.05
N ALA B 80 37.95 106.64 -61.54
CA ALA B 80 38.91 107.18 -62.49
C ALA B 80 39.42 108.51 -61.95
N GLU B 81 40.73 108.71 -62.05
CA GLU B 81 41.39 109.87 -61.45
C GLU B 81 41.76 110.87 -62.54
N ASN B 82 41.68 112.16 -62.19
CA ASN B 82 42.00 113.28 -63.07
C ASN B 82 41.07 113.30 -64.27
N PRO B 83 39.83 113.80 -64.12
CA PRO B 83 39.27 114.27 -62.85
C PRO B 83 38.67 113.13 -62.02
N LEU B 84 38.58 113.34 -60.70
CA LEU B 84 38.04 112.32 -59.81
C LEU B 84 36.58 112.06 -60.15
N ASN B 85 36.29 110.85 -60.67
CA ASN B 85 34.94 110.51 -61.08
C ASN B 85 34.69 109.04 -60.78
N PHE B 86 33.49 108.73 -60.31
CA PHE B 86 33.10 107.36 -60.00
C PHE B 86 31.83 107.01 -60.75
N TYR B 87 31.75 105.76 -61.21
CA TYR B 87 30.57 105.27 -61.91
C TYR B 87 30.11 103.97 -61.26
N HIS B 88 28.81 103.90 -60.94
CA HIS B 88 28.26 102.68 -60.36
C HIS B 88 27.75 101.76 -61.46
N LEU B 89 28.14 100.49 -61.39
CA LEU B 89 27.80 99.48 -62.37
C LEU B 89 27.07 98.33 -61.69
N SER B 90 25.91 97.96 -62.20
CA SER B 90 25.13 96.85 -61.68
C SER B 90 25.17 95.70 -62.67
N VAL B 91 25.67 94.56 -62.21
CA VAL B 91 25.79 93.36 -63.04
C VAL B 91 24.79 92.31 -62.56
N GLU B 92 24.15 91.65 -63.51
CA GLU B 92 23.19 90.59 -63.26
C GLU B 92 23.71 89.29 -63.87
N LEU B 93 23.83 88.25 -63.06
CA LEU B 93 24.34 86.96 -63.52
C LEU B 93 23.20 85.95 -63.61
N GLU B 94 23.32 85.04 -64.58
CA GLU B 94 22.33 84.00 -64.81
C GLU B 94 22.72 82.73 -64.05
N ASP B 95 21.71 82.08 -63.48
CA ASP B 95 21.96 80.84 -62.74
C ASP B 95 22.31 79.70 -63.68
N ILE B 96 23.34 78.94 -63.31
CA ILE B 96 23.80 77.78 -64.07
C ILE B 96 23.30 76.53 -63.37
N ASN B 97 22.90 75.53 -64.15
CA ASN B 97 22.43 74.25 -63.62
C ASN B 97 23.62 73.35 -63.27
N ASP B 98 24.48 73.89 -62.41
CA ASP B 98 25.68 73.18 -61.96
C ASP B 98 25.43 72.31 -60.73
N HIS B 99 24.31 72.50 -60.05
CA HIS B 99 23.96 71.72 -58.87
C HIS B 99 22.80 70.81 -59.23
N THR B 100 23.10 69.52 -59.39
CA THR B 100 22.05 68.55 -59.63
C THR B 100 21.25 68.32 -58.36
N PRO B 101 19.95 68.02 -58.47
CA PRO B 101 19.17 67.70 -57.28
C PRO B 101 19.74 66.49 -56.57
N LYS B 102 19.52 66.42 -55.26
CA LYS B 102 20.04 65.31 -54.48
C LYS B 102 19.23 65.18 -53.20
N PHE B 103 18.91 63.93 -52.85
CA PHE B 103 18.16 63.65 -51.64
C PHE B 103 19.08 63.64 -50.42
N ALA B 104 18.46 63.73 -49.24
CA ALA B 104 19.25 63.81 -48.01
C ALA B 104 19.96 62.49 -47.73
N HIS B 105 19.26 61.37 -47.89
CA HIS B 105 19.80 60.04 -47.62
C HIS B 105 19.79 59.23 -48.90
N THR B 106 20.85 58.44 -49.11
CA THR B 106 20.88 57.55 -50.25
C THR B 106 19.85 56.43 -50.10
N SER B 107 19.69 55.92 -48.89
CA SER B 107 18.70 54.88 -48.61
C SER B 107 18.09 55.11 -47.24
N PHE B 108 16.76 55.05 -47.17
CA PHE B 108 16.05 55.07 -45.89
C PHE B 108 14.84 54.17 -46.02
N GLU B 109 14.65 53.28 -45.04
CA GLU B 109 13.60 52.28 -45.10
C GLU B 109 12.36 52.76 -44.36
N LEU B 110 11.20 52.35 -44.87
CA LEU B 110 9.91 52.68 -44.27
C LEU B 110 9.19 51.40 -43.90
N GLN B 111 8.56 51.41 -42.72
CA GLN B 111 7.81 50.27 -42.20
C GLN B 111 6.32 50.60 -42.26
N ILE B 112 5.60 49.91 -43.14
CA ILE B 112 4.18 50.14 -43.36
C ILE B 112 3.42 48.91 -42.86
N SER B 113 2.36 49.15 -42.10
CA SER B 113 1.54 48.06 -41.57
C SER B 113 0.84 47.32 -42.70
N GLU B 114 0.46 46.07 -42.42
CA GLU B 114 -0.21 45.25 -43.41
C GLU B 114 -1.64 45.72 -43.65
N SER B 115 -2.32 46.18 -42.59
CA SER B 115 -3.70 46.63 -42.69
C SER B 115 -3.82 48.12 -43.03
N SER B 116 -2.86 48.67 -43.77
CA SER B 116 -2.95 50.06 -44.18
C SER B 116 -4.02 50.21 -45.26
N LYS B 117 -4.97 51.10 -45.02
CA LYS B 117 -6.06 51.29 -45.97
C LYS B 117 -5.53 51.89 -47.28
N PRO B 118 -6.01 51.42 -48.42
CA PRO B 118 -5.59 52.01 -49.70
C PRO B 118 -6.01 53.48 -49.80
N GLY B 119 -5.16 54.27 -50.44
CA GLY B 119 -5.39 55.69 -50.57
C GLY B 119 -4.72 56.56 -49.53
N THR B 120 -4.06 55.96 -48.54
CA THR B 120 -3.35 56.75 -47.53
C THR B 120 -2.08 57.35 -48.14
N ARG B 121 -1.84 58.62 -47.83
CA ARG B 121 -0.69 59.35 -48.35
C ARG B 121 0.41 59.41 -47.31
N PHE B 122 1.61 58.99 -47.69
CA PHE B 122 2.78 59.02 -46.83
C PHE B 122 3.76 60.07 -47.34
N ILE B 123 4.29 60.88 -46.43
CA ILE B 123 5.18 61.97 -46.78
C ILE B 123 6.59 61.42 -47.01
N LEU B 124 7.30 62.03 -47.96
CA LEU B 124 8.68 61.66 -48.24
C LEU B 124 9.55 62.91 -48.23
N GLY B 125 10.79 62.74 -47.78
CA GLY B 125 11.71 63.86 -47.70
C GLY B 125 12.05 64.37 -49.09
N SER B 126 11.88 65.67 -49.29
CA SER B 126 12.17 66.27 -50.58
C SER B 126 13.66 66.45 -50.77
N ALA B 127 14.13 66.22 -51.99
CA ALA B 127 15.53 66.45 -52.32
C ALA B 127 15.82 67.95 -52.34
N HIS B 128 17.10 68.28 -52.22
CA HIS B 128 17.55 69.66 -52.13
C HIS B 128 18.30 70.02 -53.40
N ASP B 129 17.67 70.84 -54.24
CA ASP B 129 18.28 71.34 -55.47
C ASP B 129 18.65 72.80 -55.24
N ALA B 130 19.94 73.12 -55.33
CA ALA B 130 20.42 74.44 -54.97
C ALA B 130 20.04 75.52 -55.97
N ASP B 131 19.78 75.15 -57.22
CA ASP B 131 19.49 76.15 -58.24
C ASP B 131 18.06 76.65 -58.11
N ILE B 132 17.83 77.86 -58.64
CA ILE B 132 16.55 78.52 -58.58
C ILE B 132 15.99 78.66 -59.98
N GLY B 133 14.66 78.65 -60.09
CA GLY B 133 14.00 78.84 -61.36
C GLY B 133 13.74 77.54 -62.10
N THR B 134 13.95 77.54 -63.42
CA THR B 134 13.78 76.32 -64.20
C THR B 134 14.82 75.27 -63.82
N ASN B 135 16.01 75.70 -63.40
CA ASN B 135 17.05 74.77 -62.97
C ASN B 135 16.74 74.13 -61.62
N SER B 136 15.73 74.61 -60.90
CA SER B 136 15.36 74.02 -59.64
C SER B 136 14.68 72.66 -59.87
N LEU B 137 14.49 71.92 -58.78
CA LEU B 137 13.83 70.62 -58.87
C LEU B 137 12.40 70.81 -59.33
N GLN B 138 11.97 69.96 -60.26
CA GLN B 138 10.64 70.14 -60.83
C GLN B 138 9.81 68.87 -60.86
N ASN B 139 10.39 67.72 -61.21
CA ASN B 139 9.63 66.50 -61.41
C ASN B 139 10.14 65.39 -60.51
N TYR B 140 9.25 64.83 -59.71
CA TYR B 140 9.51 63.59 -58.98
C TYR B 140 8.80 62.46 -59.69
N GLN B 141 9.54 61.38 -59.99
CA GLN B 141 8.95 60.25 -60.69
C GLN B 141 9.42 58.94 -60.06
N LEU B 142 8.47 58.05 -59.80
CA LEU B 142 8.71 56.78 -59.13
C LEU B 142 8.61 55.64 -60.12
N SER B 143 9.18 54.49 -59.75
CA SER B 143 9.14 53.32 -60.61
C SER B 143 7.70 52.89 -60.82
N PRO B 144 7.33 52.50 -62.05
CA PRO B 144 5.94 52.08 -62.31
C PRO B 144 5.68 50.69 -61.74
N ASN B 145 4.72 50.62 -60.82
CA ASN B 145 4.31 49.34 -60.25
C ASN B 145 2.82 49.41 -59.94
N ASP B 146 2.31 48.33 -59.35
CA ASP B 146 0.88 48.18 -59.09
C ASP B 146 0.51 48.48 -57.64
N HIS B 147 1.48 48.71 -56.77
CA HIS B 147 1.22 48.84 -55.34
C HIS B 147 1.35 50.26 -54.80
N PHE B 148 2.09 51.14 -55.47
CA PHE B 148 2.31 52.49 -54.97
C PHE B 148 2.23 53.48 -56.12
N SER B 149 1.98 54.74 -55.77
CA SER B 149 1.88 55.81 -56.75
C SER B 149 2.55 57.06 -56.20
N LEU B 150 2.84 58.00 -57.12
CA LEU B 150 3.54 59.23 -56.81
C LEU B 150 2.59 60.41 -56.96
N VAL B 151 2.72 61.39 -56.05
CA VAL B 151 1.94 62.62 -56.15
C VAL B 151 2.83 63.80 -55.78
N ASN B 152 2.74 64.85 -56.58
CA ASN B 152 3.45 66.10 -56.35
C ASN B 152 2.49 67.12 -55.77
N LYS B 153 2.87 67.77 -54.67
CA LYS B 153 2.07 68.85 -54.12
C LYS B 153 2.91 70.10 -54.16
N GLU B 154 2.46 71.08 -54.95
CA GLU B 154 3.20 72.32 -55.16
C GLU B 154 2.35 73.53 -54.83
N LYS B 155 2.85 74.35 -53.90
CA LYS B 155 2.28 75.67 -53.64
C LYS B 155 3.09 76.71 -54.40
N SER B 156 2.62 77.94 -54.37
CA SER B 156 3.32 79.02 -55.06
C SER B 156 4.67 79.32 -54.41
N ASP B 157 4.81 79.05 -53.11
CA ASP B 157 6.02 79.39 -52.38
C ASP B 157 7.23 78.55 -52.78
N GLY B 158 7.04 77.49 -53.55
CA GLY B 158 8.14 76.61 -53.90
C GLY B 158 8.44 75.53 -52.89
N SER B 159 7.68 75.46 -51.79
CA SER B 159 7.85 74.40 -50.82
C SER B 159 7.03 73.16 -51.22
N LYS B 160 7.26 72.71 -52.44
CA LYS B 160 6.58 71.56 -53.00
C LYS B 160 7.28 70.27 -52.58
N TYR B 161 6.50 69.23 -52.38
CA TYR B 161 7.08 67.98 -51.96
C TYR B 161 6.36 66.81 -52.61
N PRO B 162 7.05 65.69 -52.81
CA PRO B 162 6.40 64.48 -53.30
C PRO B 162 5.99 63.57 -52.15
N GLU B 163 4.90 62.85 -52.39
CA GLU B 163 4.39 61.90 -51.42
C GLU B 163 3.92 60.65 -52.15
N MET B 164 3.88 59.55 -51.41
CA MET B 164 3.50 58.25 -51.97
C MET B 164 2.08 57.91 -51.56
N ILE B 165 1.25 57.59 -52.54
CA ILE B 165 -0.12 57.19 -52.32
C ILE B 165 -0.23 55.68 -52.47
N LEU B 166 -0.82 55.02 -51.49
CA LEU B 166 -1.02 53.57 -51.56
C LEU B 166 -2.07 53.26 -52.62
N LYS B 167 -1.71 52.35 -53.54
CA LYS B 167 -2.61 51.97 -54.63
C LYS B 167 -3.51 50.81 -54.24
N THR B 168 -2.92 49.73 -53.73
CA THR B 168 -3.66 48.55 -53.30
C THR B 168 -3.25 48.19 -51.89
N ALA B 169 -4.10 47.43 -51.21
CA ALA B 169 -3.79 46.98 -49.86
C ALA B 169 -2.59 46.04 -49.90
N LEU B 170 -1.75 46.14 -48.87
CA LEU B 170 -0.55 45.32 -48.82
C LEU B 170 -0.86 43.95 -48.25
N ASP B 171 0.12 43.05 -48.38
CA ASP B 171 -0.04 41.67 -47.90
C ASP B 171 1.36 41.08 -47.76
N ARG B 172 1.84 40.97 -46.52
CA ARG B 172 3.20 40.50 -46.28
C ARG B 172 3.37 39.01 -46.57
N GLU B 173 2.28 38.25 -46.60
CA GLU B 173 2.37 36.83 -46.92
C GLU B 173 2.59 36.58 -48.41
N LYS B 174 2.33 37.57 -49.26
CA LYS B 174 2.60 37.45 -50.69
C LYS B 174 4.02 37.89 -51.02
N GLN B 175 4.39 39.12 -50.64
CA GLN B 175 5.74 39.64 -50.80
C GLN B 175 6.07 40.48 -49.58
N LYS B 176 7.06 40.03 -48.80
CA LYS B 176 7.35 40.66 -47.53
C LYS B 176 7.96 42.05 -47.66
N LEU B 177 8.58 42.37 -48.80
CA LEU B 177 9.27 43.65 -48.95
C LEU B 177 9.13 44.13 -50.39
N TYR B 178 9.34 45.44 -50.56
CA TYR B 178 9.34 46.06 -51.88
C TYR B 178 10.46 47.09 -51.96
N HIS B 179 11.17 47.11 -53.09
CA HIS B 179 12.26 48.05 -53.32
C HIS B 179 11.95 48.87 -54.56
N LEU B 180 11.89 50.19 -54.40
CA LEU B 180 11.57 51.08 -55.50
C LEU B 180 12.64 52.17 -55.62
N THR B 181 12.69 52.79 -56.80
CA THR B 181 13.63 53.85 -57.10
C THR B 181 12.85 55.14 -57.39
N LEU B 182 13.22 56.22 -56.70
CA LEU B 182 12.63 57.53 -56.91
C LEU B 182 13.65 58.43 -57.58
N THR B 183 13.21 59.18 -58.59
CA THR B 183 14.08 60.06 -59.36
C THR B 183 13.58 61.50 -59.26
N ALA B 184 14.50 62.39 -58.89
CA ALA B 184 14.24 63.83 -58.90
C ALA B 184 14.91 64.45 -60.11
N LEU B 185 14.18 65.29 -60.85
CA LEU B 185 14.66 65.85 -62.09
C LEU B 185 14.37 67.35 -62.15
N ASP B 186 15.33 68.10 -62.66
CA ASP B 186 15.21 69.53 -62.90
C ASP B 186 15.05 69.80 -64.39
N PHE B 187 14.54 70.99 -64.71
CA PHE B 187 14.30 71.38 -66.10
C PHE B 187 15.37 72.36 -66.57
N GLY B 188 16.59 71.83 -66.72
CA GLY B 188 17.69 72.57 -67.28
C GLY B 188 18.16 71.95 -68.58
N HIS B 189 19.18 72.57 -69.17
CA HIS B 189 19.77 72.07 -70.40
C HIS B 189 21.23 71.73 -70.16
N PRO B 190 21.61 70.44 -70.06
CA PRO B 190 20.66 69.32 -70.13
C PRO B 190 20.02 69.05 -68.77
N PRO B 191 18.95 68.26 -68.73
CA PRO B 191 18.36 67.88 -67.43
C PRO B 191 19.18 66.77 -66.78
N LEU B 192 19.49 66.94 -65.50
CA LEU B 192 20.22 65.96 -64.72
C LEU B 192 19.37 65.47 -63.55
N ASN B 193 19.43 64.17 -63.28
CA ASN B 193 18.53 63.51 -62.36
C ASN B 193 19.29 62.93 -61.17
N SER B 194 18.55 62.65 -60.11
CA SER B 194 19.08 61.99 -58.93
C SER B 194 18.21 60.80 -58.56
N THR B 195 18.85 59.70 -58.20
CA THR B 195 18.17 58.46 -57.84
C THR B 195 18.28 58.22 -56.34
N ALA B 196 17.23 57.63 -55.77
CA ALA B 196 17.22 57.29 -54.35
C ALA B 196 16.38 56.03 -54.16
N GLN B 197 16.91 55.07 -53.41
CA GLN B 197 16.23 53.80 -53.22
C GLN B 197 15.40 53.83 -51.94
N ILE B 198 14.17 53.34 -52.04
CA ILE B 198 13.25 53.26 -50.91
C ILE B 198 12.85 51.80 -50.73
N GLN B 199 13.03 51.28 -49.53
CA GLN B 199 12.72 49.90 -49.20
C GLN B 199 11.60 49.86 -48.16
N VAL B 200 10.45 49.32 -48.55
CA VAL B 200 9.30 49.21 -47.67
C VAL B 200 9.19 47.77 -47.19
N LEU B 201 9.24 47.59 -45.87
CA LEU B 201 9.07 46.29 -45.25
C LEU B 201 7.64 46.23 -44.68
N VAL B 202 6.82 45.35 -45.23
CA VAL B 202 5.42 45.26 -44.83
C VAL B 202 5.37 44.73 -43.40
N THR B 203 4.92 45.57 -42.46
CA THR B 203 4.79 45.16 -41.07
C THR B 203 3.59 44.23 -40.91
N ASP B 204 3.76 43.18 -40.14
CA ASP B 204 2.72 42.17 -39.99
C ASP B 204 1.53 42.71 -39.21
N ALA B 205 0.34 42.29 -39.63
CA ALA B 205 -0.89 42.57 -38.90
C ALA B 205 -1.63 41.27 -38.68
N ASN B 206 -2.52 41.26 -37.69
CA ASN B 206 -3.24 40.05 -37.30
C ASN B 206 -4.58 40.00 -38.02
N ASP B 207 -4.51 39.65 -39.31
CA ASP B 207 -5.70 39.48 -40.13
C ASP B 207 -6.02 38.02 -40.43
N ASN B 208 -5.06 37.11 -40.27
CA ASN B 208 -5.27 35.69 -40.50
C ASN B 208 -5.35 34.97 -39.15
N PRO B 209 -6.45 34.29 -38.86
CA PRO B 209 -6.55 33.58 -37.58
C PRO B 209 -5.84 32.23 -37.65
N PRO B 210 -5.52 31.63 -36.51
CA PRO B 210 -4.99 30.26 -36.53
C PRO B 210 -6.04 29.27 -37.00
N VAL B 211 -5.60 28.32 -37.83
CA VAL B 211 -6.50 27.35 -38.46
C VAL B 211 -6.04 25.95 -38.11
N PHE B 212 -7.00 25.08 -37.79
CA PHE B 212 -6.71 23.69 -37.46
C PHE B 212 -6.57 22.85 -38.73
N SER B 213 -6.08 21.62 -38.55
CA SER B 213 -5.88 20.73 -39.68
C SER B 213 -7.21 20.14 -40.17
N GLN B 214 -8.07 19.71 -39.26
CA GLN B 214 -9.36 19.15 -39.62
C GLN B 214 -10.43 19.67 -38.66
N ASP B 215 -11.68 19.65 -39.14
CA ASP B 215 -12.78 20.09 -38.31
C ASP B 215 -13.07 19.10 -37.19
N ILE B 216 -13.08 17.80 -37.49
CA ILE B 216 -13.44 16.77 -36.53
C ILE B 216 -12.34 15.72 -36.51
N TYR B 217 -11.91 15.34 -35.31
CA TYR B 217 -10.97 14.24 -35.11
C TYR B 217 -11.67 13.10 -34.37
N ARG B 218 -11.06 11.93 -34.44
CA ARG B 218 -11.61 10.72 -33.83
C ARG B 218 -10.51 9.93 -33.15
N VAL B 219 -10.68 9.65 -31.86
CA VAL B 219 -9.71 8.87 -31.09
C VAL B 219 -10.47 7.85 -30.25
N SER B 220 -9.87 6.66 -30.11
CA SER B 220 -10.43 5.60 -29.27
C SER B 220 -9.35 5.11 -28.31
N LEU B 221 -9.69 5.04 -27.03
CA LEU B 221 -8.78 4.61 -25.99
C LEU B 221 -9.51 3.73 -24.99
N PRO B 222 -8.81 2.79 -24.37
CA PRO B 222 -9.46 1.94 -23.36
C PRO B 222 -9.80 2.73 -22.10
N GLU B 223 -10.75 2.19 -21.33
CA GLU B 223 -11.22 2.84 -20.11
C GLU B 223 -10.30 2.64 -18.92
N ASN B 224 -9.19 1.92 -19.08
CA ASN B 224 -8.29 1.64 -17.97
C ASN B 224 -6.94 2.33 -18.12
N VAL B 225 -6.87 3.42 -18.88
CA VAL B 225 -5.62 4.15 -19.04
C VAL B 225 -5.26 4.84 -17.74
N TYR B 226 -3.99 4.74 -17.35
CA TYR B 226 -3.52 5.40 -16.14
C TYR B 226 -3.50 6.91 -16.35
N PRO B 227 -3.67 7.68 -15.27
CA PRO B 227 -3.63 9.14 -15.39
C PRO B 227 -2.30 9.61 -15.96
N GLY B 228 -2.37 10.35 -17.06
CA GLY B 228 -1.18 10.83 -17.75
C GLY B 228 -1.01 10.28 -19.16
N THR B 229 -1.96 9.48 -19.67
CA THR B 229 -1.85 8.97 -21.02
C THR B 229 -2.12 10.07 -22.03
N THR B 230 -1.23 10.21 -23.01
CA THR B 230 -1.37 11.22 -24.05
C THR B 230 -2.54 10.85 -24.95
N VAL B 231 -3.67 11.52 -24.76
CA VAL B 231 -4.86 11.21 -25.55
C VAL B 231 -4.68 11.69 -26.98
N LEU B 232 -4.46 12.98 -27.17
CA LEU B 232 -4.30 13.49 -28.52
C LEU B 232 -3.70 14.89 -28.48
N ARG B 233 -2.96 15.25 -29.53
CA ARG B 233 -2.41 16.59 -29.64
C ARG B 233 -2.81 17.18 -30.99
N VAL B 234 -3.38 18.38 -30.96
CA VAL B 234 -3.80 19.08 -32.16
C VAL B 234 -2.86 20.26 -32.38
N VAL B 235 -2.60 20.57 -33.65
CA VAL B 235 -1.68 21.62 -34.04
C VAL B 235 -2.40 22.54 -35.02
N ALA B 236 -2.23 23.84 -34.84
CA ALA B 236 -2.82 24.85 -35.70
C ALA B 236 -1.73 25.69 -36.35
N THR B 237 -2.08 26.30 -37.48
CA THR B 237 -1.16 27.11 -38.27
C THR B 237 -1.71 28.52 -38.38
N ASP B 238 -0.88 29.50 -38.05
CA ASP B 238 -1.21 30.91 -38.19
C ASP B 238 -0.36 31.52 -39.30
N GLN B 239 -1.00 32.21 -40.23
CA GLN B 239 -0.32 32.77 -41.39
C GLN B 239 0.40 34.08 -41.08
N ASP B 240 0.33 34.57 -39.85
CA ASP B 240 1.03 35.78 -39.46
C ASP B 240 2.43 35.44 -38.96
N GLU B 241 3.18 36.46 -38.56
CA GLU B 241 4.49 36.28 -37.95
C GLU B 241 4.64 37.25 -36.79
N GLY B 242 5.56 36.93 -35.90
CA GLY B 242 5.70 37.71 -34.69
C GLY B 242 4.69 37.28 -33.63
N VAL B 243 4.39 38.21 -32.72
CA VAL B 243 3.46 37.91 -31.64
C VAL B 243 2.08 37.58 -32.19
N ASN B 244 1.68 38.22 -33.30
CA ASN B 244 0.39 37.92 -33.93
C ASN B 244 0.31 36.48 -34.44
N SER B 245 1.41 35.73 -34.43
CA SER B 245 1.40 34.34 -34.82
C SER B 245 1.37 33.38 -33.63
N GLU B 246 1.47 33.88 -32.41
CA GLU B 246 1.41 33.02 -31.24
C GLU B 246 0.03 32.37 -31.13
N ILE B 247 0.01 31.06 -30.90
CA ILE B 247 -1.21 30.28 -30.85
C ILE B 247 -1.35 29.69 -29.46
N THR B 248 -2.49 29.96 -28.81
CA THR B 248 -2.80 29.43 -27.49
C THR B 248 -4.09 28.63 -27.55
N PHE B 249 -4.08 27.45 -26.92
CA PHE B 249 -5.22 26.56 -26.91
C PHE B 249 -5.94 26.63 -25.56
N SER B 250 -7.25 26.41 -25.60
CA SER B 250 -8.05 26.46 -24.38
C SER B 250 -9.30 25.61 -24.53
N PHE B 251 -9.78 25.09 -23.41
CA PHE B 251 -11.07 24.42 -23.35
C PHE B 251 -12.20 25.43 -23.28
N SER B 252 -13.22 25.23 -24.12
CA SER B 252 -14.36 26.14 -24.16
C SER B 252 -15.65 25.38 -24.47
N GLN B 259 -11.94 15.74 -16.20
CA GLN B 259 -11.24 14.46 -16.14
C GLN B 259 -10.03 14.45 -17.07
N PHE B 260 -9.93 15.45 -17.93
CA PHE B 260 -8.83 15.59 -18.87
C PHE B 260 -7.99 16.82 -18.50
N ASN B 261 -6.97 17.09 -19.31
CA ASN B 261 -6.09 18.23 -19.08
C ASN B 261 -5.40 18.61 -20.37
N LEU B 262 -5.39 19.91 -20.67
CA LEU B 262 -4.78 20.43 -21.89
C LEU B 262 -3.74 21.48 -21.52
N ASP B 263 -2.54 21.33 -22.07
CA ASP B 263 -1.51 22.35 -21.93
C ASP B 263 -1.72 23.44 -22.97
N SER B 264 -1.60 24.70 -22.53
CA SER B 264 -1.95 25.82 -23.39
C SER B 264 -0.95 25.98 -24.54
N ASN B 265 0.34 25.80 -24.27
CA ASN B 265 1.35 26.07 -25.28
C ASN B 265 1.54 24.88 -26.23
N THR B 266 1.77 23.69 -25.68
CA THR B 266 2.00 22.52 -26.52
C THR B 266 0.72 22.07 -27.22
N GLY B 267 -0.43 22.25 -26.57
CA GLY B 267 -1.70 21.91 -27.19
C GLY B 267 -2.07 20.45 -27.13
N GLU B 268 -1.47 19.69 -26.23
CA GLU B 268 -1.77 18.26 -26.08
C GLU B 268 -2.78 18.04 -24.96
N ILE B 269 -3.67 17.08 -25.18
CA ILE B 269 -4.71 16.69 -24.24
C ILE B 269 -4.34 15.32 -23.71
N THR B 270 -4.19 15.22 -22.39
CA THR B 270 -3.90 13.97 -21.71
C THR B 270 -4.89 13.79 -20.57
N THR B 271 -5.21 12.54 -20.27
CA THR B 271 -6.14 12.27 -19.17
C THR B 271 -5.51 12.65 -17.83
N LEU B 272 -6.37 13.04 -16.90
CA LEU B 272 -5.96 13.36 -15.54
C LEU B 272 -6.54 12.41 -14.50
N HIS B 273 -7.65 11.76 -14.80
CA HIS B 273 -8.27 10.77 -13.92
C HIS B 273 -8.59 9.53 -14.74
N THR B 274 -8.91 8.46 -14.04
CA THR B 274 -9.27 7.21 -14.70
C THR B 274 -10.59 7.35 -15.43
N LEU B 275 -10.70 6.70 -16.59
CA LEU B 275 -11.90 6.72 -17.39
C LEU B 275 -12.86 5.63 -16.92
N ASP B 276 -14.04 5.58 -17.52
CA ASP B 276 -15.03 4.58 -17.15
C ASP B 276 -16.04 4.47 -18.30
N PHE B 277 -16.40 3.24 -18.64
CA PHE B 277 -17.31 3.01 -19.76
C PHE B 277 -18.77 2.92 -19.33
N GLU B 278 -19.04 2.46 -18.11
CA GLU B 278 -20.42 2.27 -17.68
C GLU B 278 -21.14 3.58 -17.41
N GLU B 279 -20.39 4.67 -17.20
CA GLU B 279 -21.01 5.97 -16.92
C GLU B 279 -21.05 6.87 -18.14
N VAL B 280 -19.92 7.08 -18.80
CA VAL B 280 -19.83 7.90 -20.00
C VAL B 280 -19.10 7.08 -21.06
N LYS B 281 -19.81 6.67 -22.11
CA LYS B 281 -19.21 5.82 -23.13
C LYS B 281 -18.28 6.63 -24.04
N GLU B 282 -18.71 7.81 -24.48
CA GLU B 282 -17.88 8.67 -25.31
C GLU B 282 -17.95 10.09 -24.79
N TYR B 283 -16.84 10.82 -25.00
CA TYR B 283 -16.75 12.22 -24.65
C TYR B 283 -16.58 13.06 -25.91
N SER B 284 -17.15 14.27 -25.87
CA SER B 284 -17.00 15.23 -26.95
C SER B 284 -16.33 16.49 -26.38
N LEU B 285 -15.24 16.92 -27.01
CA LEU B 285 -14.45 18.04 -26.52
C LEU B 285 -14.37 19.12 -27.58
N VAL B 286 -14.46 20.37 -27.15
CA VAL B 286 -14.39 21.53 -28.04
C VAL B 286 -13.17 22.35 -27.66
N LEU B 287 -12.25 22.53 -28.61
CA LEU B 287 -11.00 23.23 -28.40
C LEU B 287 -11.02 24.57 -29.13
N GLU B 288 -10.51 25.61 -28.48
CA GLU B 288 -10.47 26.95 -29.04
C GLU B 288 -9.02 27.42 -29.12
N ALA B 289 -8.58 27.82 -30.31
CA ALA B 289 -7.25 28.35 -30.54
C ALA B 289 -7.35 29.84 -30.83
N LYS B 290 -6.57 30.63 -30.09
CA LYS B 290 -6.64 32.07 -30.15
C LYS B 290 -5.22 32.66 -30.15
N ASP B 291 -5.06 33.77 -30.85
CA ASP B 291 -3.80 34.50 -30.89
C ASP B 291 -3.89 35.74 -30.01
N GLY B 292 -2.94 36.65 -30.17
CA GLY B 292 -2.91 37.84 -29.34
C GLY B 292 -4.02 38.82 -29.63
N GLY B 293 -4.43 38.92 -30.90
CA GLY B 293 -5.41 39.92 -31.30
C GLY B 293 -6.84 39.44 -31.26
N GLY B 294 -7.09 38.33 -30.54
CA GLY B 294 -8.44 37.83 -30.40
C GLY B 294 -9.02 37.15 -31.63
N MET B 295 -8.18 36.67 -32.54
CA MET B 295 -8.64 35.90 -33.68
C MET B 295 -8.72 34.43 -33.28
N ILE B 296 -9.91 33.86 -33.37
CA ILE B 296 -10.20 32.57 -32.76
C ILE B 296 -10.68 31.58 -33.81
N ALA B 297 -10.39 30.31 -33.57
CA ALA B 297 -10.95 29.22 -34.37
C ALA B 297 -11.08 27.98 -33.48
N GLN B 298 -12.18 27.26 -33.63
CA GLN B 298 -12.48 26.14 -32.75
C GLN B 298 -12.66 24.86 -33.54
N CYS B 299 -12.24 23.75 -32.94
CA CYS B 299 -12.42 22.42 -33.49
C CYS B 299 -13.01 21.49 -32.43
N THR B 300 -13.33 20.27 -32.84
CA THR B 300 -13.93 19.28 -31.96
C THR B 300 -13.22 17.95 -32.09
N VAL B 301 -13.12 17.24 -30.97
CA VAL B 301 -12.54 15.90 -30.93
C VAL B 301 -13.49 14.98 -30.18
N GLU B 302 -13.73 13.80 -30.75
CA GLU B 302 -14.61 12.80 -30.15
C GLU B 302 -13.77 11.64 -29.64
N ILE B 303 -13.81 11.39 -28.34
CA ILE B 303 -13.11 10.29 -27.70
C ILE B 303 -14.11 9.16 -27.49
N GLU B 304 -13.87 8.04 -28.16
CA GLU B 304 -14.74 6.86 -28.05
C GLU B 304 -14.04 5.88 -27.11
N VAL B 305 -14.42 5.93 -25.83
CA VAL B 305 -13.82 5.04 -24.85
C VAL B 305 -14.26 3.61 -25.12
N LEU B 306 -13.31 2.68 -25.07
CA LEU B 306 -13.57 1.28 -25.37
C LEU B 306 -13.95 0.53 -24.10
N ASP B 307 -14.89 -0.40 -24.23
CA ASP B 307 -15.40 -1.15 -23.09
C ASP B 307 -14.44 -2.26 -22.71
N GLU B 308 -13.92 -2.21 -21.49
CA GLU B 308 -13.07 -3.26 -20.96
C GLU B 308 -13.88 -4.20 -20.09
N ASN B 309 -13.40 -5.44 -19.99
CA ASN B 309 -14.07 -6.46 -19.18
C ASN B 309 -13.60 -6.37 -17.73
N ASP B 310 -14.04 -5.30 -17.06
CA ASP B 310 -13.66 -5.05 -15.69
C ASP B 310 -14.80 -5.20 -14.69
N ASN B 311 -16.01 -5.53 -15.14
CA ASN B 311 -17.13 -5.82 -14.26
C ASN B 311 -17.53 -7.28 -14.40
N VAL B 312 -17.82 -7.92 -13.27
CA VAL B 312 -18.08 -9.35 -13.23
C VAL B 312 -19.55 -9.62 -13.57
N PRO B 313 -19.83 -10.62 -14.39
CA PRO B 313 -21.23 -11.00 -14.64
C PRO B 313 -21.89 -11.53 -13.38
N GLU B 314 -23.21 -11.34 -13.30
CA GLU B 314 -23.98 -11.69 -12.12
C GLU B 314 -25.02 -12.75 -12.46
N VAL B 315 -25.15 -13.73 -11.58
CA VAL B 315 -26.13 -14.81 -11.69
C VAL B 315 -27.23 -14.55 -10.67
N LEU B 316 -28.43 -14.29 -11.16
CA LEU B 316 -29.58 -13.96 -10.33
C LEU B 316 -30.49 -15.17 -10.19
N PHE B 317 -30.66 -15.62 -8.95
CA PHE B 317 -31.66 -16.63 -8.62
C PHE B 317 -33.01 -15.96 -8.40
N GLN B 318 -34.06 -16.48 -9.02
CA GLN B 318 -35.38 -15.86 -8.95
C GLN B 318 -36.39 -16.65 -8.14
N SER B 319 -36.41 -17.97 -8.27
CA SER B 319 -37.30 -18.83 -7.50
C SER B 319 -36.47 -19.86 -6.75
N LEU B 320 -36.70 -19.95 -5.44
CA LEU B 320 -35.89 -20.85 -4.62
C LEU B 320 -36.74 -22.03 -4.15
N PRO B 321 -36.46 -23.23 -4.64
CA PRO B 321 -37.20 -24.42 -4.17
C PRO B 321 -36.50 -25.13 -3.03
N ASP B 322 -36.76 -24.71 -1.79
CA ASP B 322 -36.10 -25.31 -0.64
C ASP B 322 -36.38 -26.80 -0.53
N LEU B 323 -37.58 -27.24 -0.91
CA LEU B 323 -37.95 -28.64 -0.83
C LEU B 323 -38.49 -29.11 -2.17
N ILE B 324 -38.01 -30.26 -2.63
CA ILE B 324 -38.42 -30.85 -3.89
C ILE B 324 -38.69 -32.33 -3.69
N MET B 325 -39.64 -32.86 -4.46
CA MET B 325 -40.02 -34.26 -4.31
C MET B 325 -38.93 -35.18 -4.87
N GLU B 326 -38.71 -36.31 -4.19
CA GLU B 326 -37.77 -37.30 -4.68
C GLU B 326 -38.28 -37.98 -5.95
N ASP B 327 -39.60 -38.18 -6.04
CA ASP B 327 -40.24 -38.78 -7.21
C ASP B 327 -40.45 -37.77 -8.34
N ALA B 328 -39.66 -36.71 -8.37
CA ALA B 328 -39.80 -35.68 -9.40
C ALA B 328 -39.56 -36.27 -10.78
N GLU B 329 -40.49 -35.99 -11.71
CA GLU B 329 -40.34 -36.46 -13.07
C GLU B 329 -39.12 -35.78 -13.71
N PRO B 330 -38.50 -36.43 -14.69
CA PRO B 330 -37.33 -35.82 -15.35
C PRO B 330 -37.73 -34.60 -16.17
N GLY B 331 -37.01 -33.50 -15.95
CA GLY B 331 -37.21 -32.28 -16.73
C GLY B 331 -38.14 -31.24 -16.14
N THR B 332 -38.51 -31.36 -14.86
CA THR B 332 -39.34 -30.33 -14.25
C THR B 332 -38.54 -29.06 -14.00
N TYR B 333 -39.24 -27.92 -14.04
CA TYR B 333 -38.59 -26.63 -13.83
C TYR B 333 -38.43 -26.41 -12.32
N ILE B 334 -37.19 -26.42 -11.85
CA ILE B 334 -36.93 -26.37 -10.42
C ILE B 334 -36.61 -24.93 -9.99
N ALA B 335 -35.60 -24.34 -10.62
CA ALA B 335 -35.13 -23.02 -10.25
C ALA B 335 -34.96 -22.18 -11.50
N LEU B 336 -35.07 -20.86 -11.33
CA LEU B 336 -35.01 -19.90 -12.43
C LEU B 336 -33.80 -19.01 -12.21
N LEU B 337 -32.90 -18.98 -13.20
CA LEU B 337 -31.68 -18.20 -13.10
C LEU B 337 -31.53 -17.30 -14.32
N LYS B 338 -30.95 -16.13 -14.10
CA LYS B 338 -30.59 -15.22 -15.18
C LYS B 338 -29.12 -14.83 -15.04
N THR B 339 -28.53 -14.41 -16.15
CA THR B 339 -27.16 -13.92 -16.17
C THR B 339 -27.15 -12.54 -16.80
N ARG B 340 -26.61 -11.56 -16.09
CA ARG B 340 -26.58 -10.20 -16.59
C ARG B 340 -25.20 -9.59 -16.36
N ASP B 341 -24.75 -8.80 -17.32
CA ASP B 341 -23.44 -8.17 -17.26
C ASP B 341 -23.57 -6.70 -17.65
N LYS B 342 -22.96 -5.82 -16.86
CA LYS B 342 -23.03 -4.39 -17.14
C LYS B 342 -22.29 -4.03 -18.42
N ASP B 343 -21.29 -4.83 -18.81
CA ASP B 343 -20.50 -4.54 -19.99
C ASP B 343 -21.33 -4.76 -21.25
N SER B 344 -20.69 -4.58 -22.40
CA SER B 344 -21.36 -4.72 -23.69
C SER B 344 -20.55 -5.60 -24.62
N GLY B 345 -21.15 -5.93 -25.76
CA GLY B 345 -20.47 -6.74 -26.76
C GLY B 345 -20.06 -8.09 -26.20
N ARG B 346 -18.90 -8.57 -26.67
CA ARG B 346 -18.35 -9.81 -26.15
C ARG B 346 -18.00 -9.71 -24.67
N ASN B 347 -17.88 -8.49 -24.14
CA ASN B 347 -17.65 -8.33 -22.71
C ASN B 347 -18.93 -8.48 -21.89
N GLY B 348 -20.10 -8.43 -22.53
CA GLY B 348 -21.35 -8.57 -21.82
C GLY B 348 -22.07 -9.88 -22.06
N GLU B 349 -21.67 -10.61 -23.10
CA GLU B 349 -22.24 -11.91 -23.38
C GLU B 349 -21.79 -12.93 -22.36
N VAL B 350 -22.75 -13.62 -21.73
CA VAL B 350 -22.47 -14.53 -20.63
C VAL B 350 -23.04 -15.91 -20.96
N ILE B 351 -22.20 -16.93 -20.83
CA ILE B 351 -22.60 -18.33 -21.00
C ILE B 351 -22.44 -19.01 -19.64
N CYS B 352 -23.46 -19.78 -19.24
CA CYS B 352 -23.48 -20.41 -17.93
C CYS B 352 -23.49 -21.94 -18.06
N LYS B 353 -22.87 -22.59 -17.08
CA LYS B 353 -22.83 -24.04 -16.98
C LYS B 353 -22.92 -24.42 -15.51
N LEU B 354 -23.23 -25.69 -15.25
CA LEU B 354 -23.29 -26.23 -13.90
C LEU B 354 -22.16 -27.23 -13.71
N GLU B 355 -21.46 -27.12 -12.57
CA GLU B 355 -20.39 -28.04 -12.23
C GLU B 355 -20.88 -29.08 -11.23
N GLY B 356 -20.48 -30.32 -11.44
CA GLY B 356 -20.84 -31.42 -10.57
C GLY B 356 -21.51 -32.55 -11.33
N GLY B 357 -21.66 -33.68 -10.62
CA GLY B 357 -22.25 -34.88 -11.15
C GLY B 357 -23.71 -35.08 -10.82
N ALA B 358 -24.36 -34.10 -10.22
CA ALA B 358 -25.77 -34.23 -9.89
C ALA B 358 -26.62 -34.22 -11.16
N PRO B 359 -27.72 -34.97 -11.18
CA PRO B 359 -28.52 -35.08 -12.43
C PRO B 359 -29.42 -33.87 -12.65
N PHE B 360 -28.79 -32.76 -13.02
CA PHE B 360 -29.49 -31.52 -13.33
C PHE B 360 -28.86 -30.89 -14.56
N LYS B 361 -29.70 -30.26 -15.37
CA LYS B 361 -29.28 -29.65 -16.63
C LYS B 361 -29.79 -28.22 -16.72
N ILE B 362 -29.01 -27.39 -17.40
CA ILE B 362 -29.38 -26.00 -17.70
C ILE B 362 -29.99 -25.97 -19.09
N LEU B 363 -31.14 -25.34 -19.22
CA LEU B 363 -31.82 -25.17 -20.50
C LEU B 363 -32.05 -23.70 -20.75
N THR B 364 -31.56 -23.20 -21.87
CA THR B 364 -31.68 -21.78 -22.22
C THR B 364 -32.98 -21.58 -23.01
N SER B 365 -33.89 -20.77 -22.47
CA SER B 365 -35.14 -20.51 -23.16
C SER B 365 -35.06 -19.28 -24.06
N SER B 366 -34.26 -18.29 -23.68
CA SER B 366 -34.01 -17.11 -24.48
C SER B 366 -32.70 -16.50 -24.00
N GLY B 367 -32.31 -15.39 -24.62
CA GLY B 367 -31.08 -14.71 -24.25
C GLY B 367 -31.02 -14.35 -22.78
N ASN B 368 -29.98 -14.83 -22.09
CA ASN B 368 -29.77 -14.58 -20.67
C ASN B 368 -30.90 -15.10 -19.79
N THR B 369 -31.66 -16.09 -20.27
CA THR B 369 -32.74 -16.71 -19.49
C THR B 369 -32.55 -18.23 -19.51
N TYR B 370 -32.20 -18.79 -18.36
CA TYR B 370 -31.94 -20.21 -18.21
C TYR B 370 -32.83 -20.79 -17.13
N LYS B 371 -33.07 -22.09 -17.23
CA LYS B 371 -33.86 -22.83 -16.27
C LYS B 371 -33.11 -24.09 -15.86
N LEU B 372 -33.33 -24.53 -14.63
CA LEU B 372 -32.73 -25.75 -14.11
C LEU B 372 -33.77 -26.86 -14.13
N VAL B 373 -33.41 -28.00 -14.73
CA VAL B 373 -34.31 -29.15 -14.79
C VAL B 373 -33.58 -30.38 -14.28
N THR B 374 -34.36 -31.37 -13.85
CA THR B 374 -33.79 -32.66 -13.50
C THR B 374 -33.42 -33.42 -14.77
N ASP B 375 -32.27 -34.08 -14.73
CA ASP B 375 -31.85 -34.93 -15.84
C ASP B 375 -32.24 -36.39 -15.63
N GLY B 376 -32.24 -36.86 -14.38
CA GLY B 376 -32.65 -38.20 -14.06
C GLY B 376 -33.59 -38.22 -12.86
N VAL B 377 -33.95 -39.44 -12.46
CA VAL B 377 -34.80 -39.62 -11.29
C VAL B 377 -33.97 -39.45 -10.03
N LEU B 378 -34.59 -38.91 -8.99
CA LEU B 378 -33.93 -38.61 -7.73
C LEU B 378 -34.35 -39.61 -6.65
N ASP B 379 -33.69 -39.50 -5.49
CA ASP B 379 -33.95 -40.38 -4.36
C ASP B 379 -33.41 -39.72 -3.11
N ARG B 380 -34.22 -39.71 -2.04
CA ARG B 380 -33.84 -39.01 -0.81
C ARG B 380 -32.94 -39.87 0.07
N GLU B 381 -33.19 -41.17 0.14
CA GLU B 381 -32.41 -42.02 1.06
C GLU B 381 -30.95 -42.09 0.65
N GLN B 382 -30.66 -42.13 -0.64
CA GLN B 382 -29.28 -42.21 -1.09
C GLN B 382 -28.59 -40.86 -1.01
N ASN B 383 -29.17 -39.83 -1.66
CA ASN B 383 -28.61 -38.48 -1.64
C ASN B 383 -29.70 -37.51 -1.24
N PRO B 384 -29.79 -37.16 0.05
CA PRO B 384 -30.84 -36.21 0.49
C PRO B 384 -30.49 -34.76 0.27
N GLU B 385 -29.20 -34.42 0.12
CA GLU B 385 -28.78 -33.03 -0.01
C GLU B 385 -27.69 -32.92 -1.06
N TYR B 386 -27.71 -31.80 -1.80
CA TYR B 386 -26.70 -31.47 -2.79
C TYR B 386 -26.23 -30.05 -2.61
N ASN B 387 -24.91 -29.85 -2.70
CA ASN B 387 -24.29 -28.53 -2.78
C ASN B 387 -23.86 -28.37 -4.24
N ILE B 388 -24.71 -27.72 -5.04
CA ILE B 388 -24.46 -27.56 -6.47
C ILE B 388 -23.82 -26.20 -6.72
N THR B 389 -22.83 -26.18 -7.61
CA THR B 389 -22.13 -24.97 -8.01
C THR B 389 -22.43 -24.66 -9.47
N ILE B 390 -22.77 -23.41 -9.75
CA ILE B 390 -23.07 -22.95 -11.11
C ILE B 390 -22.11 -21.82 -11.46
N ARG B 391 -21.48 -21.90 -12.62
CA ARG B 391 -20.47 -20.96 -13.06
C ARG B 391 -20.93 -20.25 -14.33
N ALA B 392 -20.86 -18.92 -14.33
CA ALA B 392 -21.18 -18.11 -15.49
C ALA B 392 -19.93 -17.35 -15.92
N THR B 393 -19.57 -17.47 -17.20
CA THR B 393 -18.37 -16.85 -17.74
C THR B 393 -18.72 -15.99 -18.94
N ASP B 394 -18.05 -14.84 -19.05
CA ASP B 394 -18.25 -13.97 -20.19
C ASP B 394 -17.23 -14.29 -21.28
N LYS B 395 -17.26 -13.51 -22.37
CA LYS B 395 -16.42 -13.77 -23.53
C LYS B 395 -15.32 -12.74 -23.72
N GLY B 396 -14.92 -12.04 -22.65
CA GLY B 396 -13.76 -11.20 -22.73
C GLY B 396 -12.49 -12.03 -22.68
N ASP B 397 -11.37 -11.39 -23.01
CA ASP B 397 -10.07 -12.06 -23.01
C ASP B 397 -9.08 -11.29 -22.14
N PRO B 398 -8.75 -11.80 -20.93
CA PRO B 398 -9.33 -13.00 -20.33
C PRO B 398 -10.69 -12.73 -19.69
N PRO B 399 -11.54 -13.76 -19.60
CA PRO B 399 -12.90 -13.57 -19.10
C PRO B 399 -12.97 -13.49 -17.58
N LEU B 400 -14.08 -12.94 -17.10
CA LEU B 400 -14.39 -12.86 -15.68
C LEU B 400 -15.58 -13.76 -15.40
N SER B 401 -15.48 -14.59 -14.37
CA SER B 401 -16.49 -15.59 -14.05
C SER B 401 -17.15 -15.28 -12.71
N SER B 402 -18.30 -15.91 -12.49
CA SER B 402 -19.04 -15.77 -11.25
C SER B 402 -19.68 -17.11 -10.89
N SER B 403 -19.48 -17.54 -9.65
CA SER B 403 -19.99 -18.81 -9.16
C SER B 403 -21.08 -18.57 -8.11
N SER B 404 -22.06 -19.47 -8.10
CA SER B 404 -23.14 -19.42 -7.13
C SER B 404 -23.46 -20.84 -6.68
N SER B 405 -23.64 -21.01 -5.37
CA SER B 405 -23.86 -22.32 -4.78
C SER B 405 -25.30 -22.41 -4.26
N VAL B 406 -25.99 -23.47 -4.66
CA VAL B 406 -27.35 -23.73 -4.22
C VAL B 406 -27.37 -25.05 -3.46
N THR B 407 -28.06 -25.06 -2.32
CA THR B 407 -28.21 -26.25 -1.50
C THR B 407 -29.62 -26.81 -1.74
N LEU B 408 -29.69 -27.95 -2.41
CA LEU B 408 -30.96 -28.59 -2.71
C LEU B 408 -31.20 -29.71 -1.71
N HIS B 409 -32.37 -29.67 -1.07
CA HIS B 409 -32.81 -30.69 -0.12
C HIS B 409 -33.89 -31.53 -0.77
N ILE B 410 -33.81 -32.84 -0.57
CA ILE B 410 -34.74 -33.78 -1.18
C ILE B 410 -35.84 -34.09 -0.16
N GLY B 411 -37.10 -33.94 -0.59
CA GLY B 411 -38.21 -34.22 0.29
C GLY B 411 -38.55 -35.70 0.35
N ASP B 412 -39.21 -36.08 1.43
CA ASP B 412 -39.60 -37.47 1.66
C ASP B 412 -40.96 -37.73 1.03
N VAL B 413 -41.02 -38.71 0.13
CA VAL B 413 -42.26 -39.19 -0.45
C VAL B 413 -42.52 -40.60 0.10
N ASN B 414 -43.78 -40.90 0.39
CA ASN B 414 -44.16 -42.17 0.99
C ASN B 414 -43.93 -43.30 -0.01
N ASP B 415 -42.66 -43.71 -0.13
CA ASP B 415 -42.27 -44.79 -1.02
C ASP B 415 -41.63 -45.96 -0.28
N ASN B 416 -41.61 -45.93 1.05
CA ASN B 416 -41.01 -47.00 1.84
C ASN B 416 -42.03 -47.49 2.86
N ALA B 417 -42.23 -48.81 2.90
CA ALA B 417 -43.10 -49.43 3.89
C ALA B 417 -42.31 -49.79 5.14
N PRO B 418 -42.94 -49.76 6.31
CA PRO B 418 -42.23 -50.13 7.54
C PRO B 418 -41.80 -51.59 7.50
N VAL B 419 -40.60 -51.85 8.01
CA VAL B 419 -40.00 -53.18 7.96
C VAL B 419 -39.72 -53.65 9.37
N PHE B 420 -40.14 -54.87 9.69
CA PHE B 420 -39.88 -55.43 11.00
C PHE B 420 -38.43 -55.88 11.12
N THR B 421 -37.96 -55.97 12.37
CA THR B 421 -36.56 -56.34 12.59
C THR B 421 -36.29 -57.80 12.25
N LYS B 422 -37.28 -58.67 12.40
CA LYS B 422 -37.16 -60.07 12.04
C LYS B 422 -38.34 -60.48 11.17
N VAL B 423 -38.12 -61.50 10.34
CA VAL B 423 -39.12 -61.91 9.36
C VAL B 423 -40.35 -62.49 10.04
N SER B 424 -40.15 -63.45 10.95
CA SER B 424 -41.25 -64.06 11.69
C SER B 424 -40.94 -64.09 13.17
N TYR B 425 -42.00 -64.05 13.98
CA TYR B 425 -41.86 -64.01 15.43
C TYR B 425 -42.43 -65.27 16.07
N LEU B 426 -41.79 -65.71 17.15
CA LEU B 426 -42.21 -66.89 17.89
C LEU B 426 -42.02 -66.61 19.37
N VAL B 427 -43.10 -66.75 20.16
CA VAL B 427 -43.02 -66.47 21.59
C VAL B 427 -43.78 -67.54 22.37
N HIS B 428 -43.12 -68.10 23.38
CA HIS B 428 -43.72 -69.02 24.32
C HIS B 428 -44.06 -68.26 25.61
N VAL B 429 -45.24 -68.53 26.16
CA VAL B 429 -45.71 -67.88 27.37
C VAL B 429 -46.12 -68.95 28.36
N ALA B 430 -45.65 -68.83 29.60
CA ALA B 430 -45.96 -69.81 30.63
C ALA B 430 -47.45 -69.75 31.00
N GLU B 431 -48.00 -70.91 31.34
CA GLU B 431 -49.39 -71.00 31.71
C GLU B 431 -49.65 -70.27 33.03
N ASN B 432 -50.91 -69.89 33.24
CA ASN B 432 -51.35 -69.21 34.46
C ASN B 432 -50.60 -67.90 34.69
N ASN B 433 -50.42 -67.14 33.60
CA ASN B 433 -49.78 -65.84 33.70
C ASN B 433 -50.81 -64.76 34.04
N PRO B 434 -50.41 -63.68 34.70
CA PRO B 434 -51.36 -62.63 35.06
C PRO B 434 -51.86 -61.90 33.82
N PRO B 435 -53.15 -61.61 33.75
CA PRO B 435 -53.68 -60.92 32.57
C PRO B 435 -53.24 -59.47 32.51
N GLY B 436 -53.15 -58.95 31.29
CA GLY B 436 -52.71 -57.58 31.11
C GLY B 436 -51.23 -57.37 31.31
N ALA B 437 -50.43 -58.40 31.08
CA ALA B 437 -48.99 -58.32 31.31
C ALA B 437 -48.23 -58.31 29.97
N SER B 438 -47.05 -57.72 30.00
CA SER B 438 -46.21 -57.66 28.81
C SER B 438 -45.61 -59.03 28.50
N ILE B 439 -45.85 -59.53 27.29
CA ILE B 439 -45.28 -60.79 26.87
C ILE B 439 -44.14 -60.63 25.86
N ALA B 440 -44.21 -59.65 24.95
CA ALA B 440 -43.17 -59.40 23.97
C ALA B 440 -43.35 -58.00 23.41
N GLN B 441 -42.41 -57.60 22.56
CA GLN B 441 -42.44 -56.30 21.92
C GLN B 441 -41.83 -56.42 20.53
N VAL B 442 -42.54 -55.90 19.53
CA VAL B 442 -42.06 -55.88 18.15
C VAL B 442 -41.75 -54.45 17.78
N SER B 443 -40.71 -54.28 16.96
CA SER B 443 -40.28 -52.96 16.52
C SER B 443 -40.10 -52.95 15.01
N ALA B 444 -40.71 -51.98 14.35
CA ALA B 444 -40.57 -51.77 12.93
C ALA B 444 -39.86 -50.45 12.66
N SER B 445 -39.12 -50.40 11.56
CA SER B 445 -38.37 -49.22 11.16
C SER B 445 -38.94 -48.70 9.85
N ASP B 446 -39.18 -47.40 9.79
CA ASP B 446 -39.66 -46.73 8.58
C ASP B 446 -38.68 -45.63 8.24
N PRO B 447 -37.94 -45.73 7.14
CA PRO B 447 -36.92 -44.72 6.84
C PRO B 447 -37.48 -43.34 6.52
N ASP B 448 -38.77 -43.24 6.22
CA ASP B 448 -39.36 -41.95 5.87
C ASP B 448 -39.36 -41.00 7.06
N LEU B 449 -39.61 -39.73 6.77
CA LEU B 449 -39.62 -38.68 7.77
C LEU B 449 -41.01 -38.08 7.90
N GLY B 450 -41.30 -37.53 9.07
CA GLY B 450 -42.61 -36.99 9.34
C GLY B 450 -43.61 -38.10 9.67
N ALA B 451 -44.87 -37.85 9.32
CA ALA B 451 -45.91 -38.84 9.56
C ALA B 451 -45.63 -40.13 8.79
N ASN B 452 -45.00 -40.04 7.63
CA ASN B 452 -44.62 -41.22 6.86
C ASN B 452 -43.65 -42.11 7.63
N GLY B 453 -43.00 -41.59 8.66
CA GLY B 453 -42.08 -42.38 9.45
C GLY B 453 -42.64 -42.73 10.80
N GLN B 454 -43.95 -42.58 10.97
CA GLN B 454 -44.63 -42.89 12.22
C GLN B 454 -45.27 -44.28 12.09
N VAL B 455 -44.70 -45.26 12.80
CA VAL B 455 -45.12 -46.65 12.68
C VAL B 455 -46.25 -46.94 13.65
N THR B 456 -47.20 -47.78 13.23
CA THR B 456 -48.28 -48.24 14.07
C THR B 456 -48.55 -49.72 13.80
N TYR B 457 -48.80 -50.49 14.86
CA TYR B 457 -48.99 -51.93 14.75
C TYR B 457 -50.44 -52.28 15.09
N TYR B 458 -51.01 -53.21 14.32
CA TYR B 458 -52.40 -53.60 14.50
C TYR B 458 -52.58 -55.09 14.24
N ILE B 459 -53.68 -55.63 14.76
CA ILE B 459 -54.08 -57.02 14.55
C ILE B 459 -55.19 -57.04 13.51
N ILE B 460 -55.07 -57.94 12.53
CA ILE B 460 -56.03 -58.04 11.43
C ILE B 460 -56.70 -59.41 11.37
N ALA B 461 -55.91 -60.48 11.43
CA ALA B 461 -56.45 -61.82 11.29
C ALA B 461 -55.83 -62.75 12.32
N SER B 462 -56.56 -63.81 12.64
CA SER B 462 -56.10 -64.81 13.59
C SER B 462 -56.83 -66.12 13.32
N ASP B 463 -56.17 -67.23 13.63
CA ASP B 463 -56.81 -68.54 13.52
C ASP B 463 -57.85 -68.76 14.61
N LEU B 464 -57.86 -67.93 15.65
CA LEU B 464 -58.87 -68.02 16.68
C LEU B 464 -60.21 -67.49 16.16
N GLU B 465 -61.23 -67.63 16.99
CA GLU B 465 -62.53 -67.06 16.66
C GLU B 465 -62.42 -65.53 16.66
N PRO B 466 -62.91 -64.85 15.62
CA PRO B 466 -62.75 -63.39 15.55
C PRO B 466 -63.42 -62.65 16.70
N GLU B 467 -64.35 -63.28 17.41
CA GLU B 467 -65.04 -62.59 18.51
C GLU B 467 -64.19 -62.57 19.77
N SER B 468 -63.45 -63.65 20.03
CA SER B 468 -62.60 -63.71 21.21
C SER B 468 -61.20 -63.17 20.96
N LEU B 469 -60.91 -62.69 19.74
CA LEU B 469 -59.60 -62.14 19.45
C LEU B 469 -59.26 -60.98 20.38
N TRP B 470 -60.25 -60.14 20.69
CA TRP B 470 -60.05 -59.08 21.66
C TRP B 470 -59.84 -59.64 23.06
N SER B 471 -60.60 -60.67 23.44
CA SER B 471 -60.49 -61.23 24.78
C SER B 471 -59.18 -61.97 25.01
N TYR B 472 -58.47 -62.35 23.94
CA TYR B 472 -57.20 -63.05 24.12
C TYR B 472 -56.01 -62.11 24.22
N VAL B 473 -55.78 -61.27 23.20
CA VAL B 473 -54.57 -60.45 23.12
C VAL B 473 -54.88 -59.09 22.53
N THR B 474 -54.01 -58.13 22.84
CA THR B 474 -54.07 -56.78 22.28
C THR B 474 -52.65 -56.28 22.02
N ILE B 475 -52.55 -55.17 21.29
CA ILE B 475 -51.27 -54.60 20.88
C ILE B 475 -51.24 -53.11 21.21
N ASN B 476 -50.11 -52.66 21.77
CA ASN B 476 -49.82 -51.23 21.91
C ASN B 476 -49.31 -50.70 20.58
N ALA B 477 -50.10 -49.83 19.94
CA ALA B 477 -49.75 -49.36 18.60
C ALA B 477 -48.55 -48.43 18.58
N GLN B 478 -48.25 -47.76 19.70
CA GLN B 478 -47.15 -46.81 19.74
C GLN B 478 -45.81 -47.47 20.03
N SER B 479 -45.77 -48.36 21.03
CA SER B 479 -44.53 -49.02 21.42
C SER B 479 -44.35 -50.40 20.79
N GLY B 480 -45.43 -51.06 20.41
CA GLY B 480 -45.35 -52.40 19.84
C GLY B 480 -45.39 -53.53 20.84
N VAL B 481 -45.74 -53.25 22.10
CA VAL B 481 -45.78 -54.27 23.12
C VAL B 481 -47.09 -55.05 23.02
N LEU B 482 -47.02 -56.36 23.26
CA LEU B 482 -48.16 -57.25 23.19
C LEU B 482 -48.67 -57.53 24.60
N PHE B 483 -49.99 -57.43 24.78
CA PHE B 483 -50.61 -57.59 26.09
C PHE B 483 -51.57 -58.77 26.06
N ALA B 484 -51.40 -59.70 27.00
CA ALA B 484 -52.30 -60.85 27.13
C ALA B 484 -53.54 -60.43 27.90
N GLN B 485 -54.71 -60.65 27.30
CA GLN B 485 -55.97 -60.23 27.89
C GLN B 485 -56.66 -61.33 28.70
N ARG B 486 -56.01 -62.46 28.89
CA ARG B 486 -56.57 -63.53 29.71
C ARG B 486 -55.45 -64.46 30.16
N ALA B 487 -55.71 -65.17 31.25
CA ALA B 487 -54.79 -66.19 31.72
C ALA B 487 -54.89 -67.42 30.81
N PHE B 488 -53.77 -67.78 30.20
CA PHE B 488 -53.76 -68.85 29.21
C PHE B 488 -53.89 -70.21 29.87
N ASP B 489 -54.46 -71.16 29.12
CA ASP B 489 -54.68 -72.53 29.60
C ASP B 489 -54.09 -73.48 28.56
N HIS B 490 -53.05 -74.22 28.95
CA HIS B 490 -52.43 -75.17 28.02
C HIS B 490 -53.39 -76.30 27.65
N GLU B 491 -54.31 -76.64 28.55
CA GLU B 491 -55.26 -77.71 28.26
C GLU B 491 -56.30 -77.27 27.23
N GLN B 492 -56.75 -76.02 27.30
CA GLN B 492 -57.74 -75.52 26.36
C GLN B 492 -57.16 -75.35 24.96
N LEU B 493 -56.10 -74.55 24.85
CA LEU B 493 -55.43 -74.32 23.57
C LEU B 493 -53.93 -74.49 23.75
N ARG B 494 -53.29 -75.09 22.75
CA ARG B 494 -51.86 -75.36 22.80
C ARG B 494 -51.05 -74.23 22.17
N SER B 495 -51.46 -73.75 21.00
CA SER B 495 -50.74 -72.69 20.30
C SER B 495 -51.73 -71.97 19.40
N PHE B 496 -51.32 -70.80 18.91
CA PHE B 496 -52.14 -70.12 17.91
C PHE B 496 -51.29 -69.18 17.05
N GLN B 497 -51.73 -69.02 15.81
CA GLN B 497 -51.13 -68.14 14.82
C GLN B 497 -51.75 -66.75 14.91
N LEU B 498 -50.93 -65.74 14.63
CA LEU B 498 -51.39 -64.36 14.55
C LEU B 498 -50.65 -63.67 13.40
N THR B 499 -51.36 -62.80 12.69
CA THR B 499 -50.75 -61.96 11.66
C THR B 499 -50.99 -60.51 12.02
N LEU B 500 -49.93 -59.71 11.99
CA LEU B 500 -49.96 -58.32 12.41
C LEU B 500 -49.58 -57.43 11.24
N GLN B 501 -49.96 -56.17 11.33
CA GLN B 501 -49.75 -55.21 10.25
C GLN B 501 -49.13 -53.94 10.79
N ALA B 502 -48.05 -53.51 10.14
CA ALA B 502 -47.40 -52.24 10.41
C ALA B 502 -47.80 -51.24 9.34
N ARG B 503 -48.19 -50.04 9.77
CA ARG B 503 -48.73 -49.01 8.89
C ARG B 503 -48.19 -47.64 9.29
N ASP B 504 -47.88 -46.81 8.30
CA ASP B 504 -47.45 -45.45 8.52
C ASP B 504 -48.64 -44.49 8.40
N HIS B 505 -48.38 -43.23 8.69
CA HIS B 505 -49.43 -42.20 8.65
C HIS B 505 -49.30 -41.31 7.42
N GLY B 506 -49.14 -41.92 6.25
CA GLY B 506 -49.04 -41.20 5.01
C GLY B 506 -50.33 -41.26 4.19
N SER B 507 -50.25 -40.69 2.99
CA SER B 507 -51.36 -40.71 2.05
C SER B 507 -50.82 -41.04 0.66
N PRO B 508 -51.01 -42.27 0.16
CA PRO B 508 -51.69 -43.36 0.88
C PRO B 508 -50.77 -44.09 1.85
N THR B 509 -51.36 -44.89 2.74
CA THR B 509 -50.59 -45.63 3.72
C THR B 509 -49.98 -46.88 3.11
N LEU B 510 -48.73 -47.15 3.46
CA LEU B 510 -48.03 -48.35 3.05
C LEU B 510 -47.94 -49.31 4.24
N SER B 511 -48.29 -50.57 4.01
CA SER B 511 -48.40 -51.55 5.08
C SER B 511 -47.43 -52.70 4.87
N ALA B 512 -47.19 -53.44 5.96
CA ALA B 512 -46.40 -54.66 5.90
C ALA B 512 -46.94 -55.66 6.91
N ASN B 513 -47.04 -56.92 6.48
CA ASN B 513 -47.63 -57.98 7.30
C ASN B 513 -46.53 -58.87 7.85
N VAL B 514 -46.70 -59.28 9.12
CA VAL B 514 -45.75 -60.15 9.79
C VAL B 514 -46.52 -61.29 10.46
N SER B 515 -45.87 -62.46 10.56
CA SER B 515 -46.47 -63.65 11.14
C SER B 515 -45.81 -63.96 12.47
N MET B 516 -46.63 -64.23 13.49
CA MET B 516 -46.14 -64.55 14.82
C MET B 516 -46.90 -65.74 15.40
N ARG B 517 -46.16 -66.73 15.89
CA ARG B 517 -46.75 -67.89 16.53
C ARG B 517 -46.58 -67.81 18.05
N LEU B 518 -47.68 -67.99 18.78
CA LEU B 518 -47.66 -67.96 20.23
C LEU B 518 -47.92 -69.37 20.77
N LEU B 519 -47.02 -69.84 21.62
CA LEU B 519 -47.10 -71.15 22.24
C LEU B 519 -47.38 -71.02 23.73
N VAL B 520 -48.17 -71.95 24.27
CA VAL B 520 -48.49 -71.98 25.69
C VAL B 520 -47.64 -73.06 26.35
N GLY B 521 -46.74 -72.65 27.23
CA GLY B 521 -45.93 -73.61 27.96
C GLY B 521 -46.72 -74.33 29.03
N ASP B 522 -46.51 -75.64 29.12
CA ASP B 522 -47.26 -76.47 30.05
C ASP B 522 -46.68 -76.34 31.45
N ARG B 523 -47.56 -76.17 32.44
CA ARG B 523 -47.19 -76.15 33.85
C ARG B 523 -47.85 -77.32 34.56
N ASN B 524 -47.20 -77.80 35.63
CA ASN B 524 -47.69 -78.95 36.39
C ASN B 524 -48.78 -78.50 37.36
N ASP B 525 -49.94 -78.17 36.80
CA ASP B 525 -51.07 -77.67 37.56
C ASP B 525 -52.22 -78.66 37.68
N ASN B 526 -52.10 -79.84 37.09
CA ASN B 526 -53.14 -80.86 37.12
C ASN B 526 -52.64 -82.10 37.86
N ALA B 527 -53.46 -82.59 38.79
CA ALA B 527 -53.15 -83.80 39.53
C ALA B 527 -53.46 -85.02 38.67
N PRO B 528 -52.73 -86.13 38.87
CA PRO B 528 -53.00 -87.33 38.08
C PRO B 528 -54.37 -87.91 38.37
N ARG B 529 -55.03 -88.38 37.31
CA ARG B 529 -56.37 -88.94 37.38
C ARG B 529 -56.36 -90.40 36.98
N VAL B 530 -57.04 -91.24 37.77
CA VAL B 530 -57.08 -92.68 37.54
C VAL B 530 -58.28 -93.01 36.67
N LEU B 531 -58.05 -93.73 35.58
CA LEU B 531 -59.13 -94.13 34.68
C LEU B 531 -59.76 -95.45 35.13
N TYR B 532 -58.97 -96.53 35.11
CA TYR B 532 -59.41 -97.87 35.46
C TYR B 532 -58.52 -98.42 36.57
N PRO B 533 -59.12 -99.07 37.59
CA PRO B 533 -60.55 -99.31 37.78
C PRO B 533 -61.29 -98.15 38.42
N THR B 534 -62.63 -98.17 38.33
CA THR B 534 -63.45 -97.14 38.93
C THR B 534 -63.51 -97.30 40.44
N LEU B 535 -63.54 -96.17 41.16
CA LEU B 535 -63.53 -96.16 42.62
C LEU B 535 -64.83 -95.57 43.16
N GLU B 536 -65.25 -96.11 44.31
CA GLU B 536 -66.34 -95.55 45.08
C GLU B 536 -65.86 -94.27 45.77
N PRO B 537 -66.79 -93.41 46.26
CA PRO B 537 -66.39 -92.23 47.03
C PRO B 537 -65.28 -92.47 48.05
N ASP B 538 -65.25 -93.65 48.68
CA ASP B 538 -64.15 -93.97 49.58
C ASP B 538 -62.83 -94.12 48.84
N GLY B 539 -62.87 -94.41 47.55
CA GLY B 539 -61.65 -94.67 46.80
C GLY B 539 -61.21 -96.11 46.88
N SER B 540 -62.15 -97.05 46.96
CA SER B 540 -61.87 -98.46 47.14
C SER B 540 -62.43 -99.25 45.96
N ALA B 541 -61.68 -100.27 45.55
CA ALA B 541 -62.12 -101.21 44.52
C ALA B 541 -61.95 -102.62 45.04
N LEU B 542 -62.92 -103.48 44.75
CA LEU B 542 -62.94 -104.84 45.27
C LEU B 542 -62.83 -105.81 44.11
N PHE B 543 -61.75 -106.59 44.09
CA PHE B 543 -61.52 -107.65 43.12
C PHE B 543 -61.29 -108.94 43.90
N ASP B 544 -62.38 -109.65 44.21
CA ASP B 544 -62.34 -110.87 45.00
C ASP B 544 -62.29 -112.12 44.13
N MET B 545 -61.69 -112.02 42.94
CA MET B 545 -61.58 -113.14 42.01
C MET B 545 -60.12 -113.52 41.77
N VAL B 546 -59.29 -113.40 42.79
CA VAL B 546 -57.87 -113.73 42.65
C VAL B 546 -57.65 -115.21 42.91
N PRO B 547 -57.03 -115.95 42.00
CA PRO B 547 -56.81 -117.38 42.22
C PRO B 547 -55.76 -117.61 43.29
N ARG B 548 -56.06 -118.54 44.21
CA ARG B 548 -55.09 -118.87 45.25
C ARG B 548 -53.95 -119.72 44.68
N SER B 549 -54.27 -120.65 43.78
CA SER B 549 -53.27 -121.51 43.16
C SER B 549 -52.51 -120.80 42.03
N ALA B 550 -52.52 -119.47 42.00
CA ALA B 550 -51.82 -118.74 40.95
C ALA B 550 -50.32 -118.79 41.18
N GLU B 551 -49.58 -119.13 40.13
CA GLU B 551 -48.13 -119.09 40.21
C GLU B 551 -47.65 -117.64 40.26
N PRO B 552 -46.51 -117.38 40.91
CA PRO B 552 -45.99 -116.00 40.95
C PRO B 552 -45.79 -115.44 39.54
N GLY B 553 -46.06 -114.14 39.41
CA GLY B 553 -46.11 -113.48 38.13
C GLY B 553 -47.50 -113.38 37.53
N TYR B 554 -48.52 -113.84 38.24
CA TYR B 554 -49.89 -113.77 37.74
C TYR B 554 -50.37 -112.33 37.73
N LEU B 555 -50.93 -111.89 36.60
CA LEU B 555 -51.41 -110.53 36.45
C LEU B 555 -52.68 -110.36 37.28
N VAL B 556 -52.54 -109.75 38.46
CA VAL B 556 -53.71 -109.48 39.29
C VAL B 556 -54.61 -108.46 38.60
N THR B 557 -54.07 -107.28 38.30
CA THR B 557 -54.77 -106.29 37.49
C THR B 557 -53.75 -105.25 37.03
N LYS B 558 -54.23 -104.20 36.37
CA LYS B 558 -53.36 -103.11 35.94
C LYS B 558 -54.07 -101.78 36.16
N VAL B 559 -53.34 -100.84 36.73
CA VAL B 559 -53.89 -99.51 36.98
C VAL B 559 -53.53 -98.62 35.80
N VAL B 560 -54.51 -97.90 35.28
CA VAL B 560 -54.31 -96.95 34.20
C VAL B 560 -54.59 -95.55 34.73
N ALA B 561 -53.67 -94.64 34.47
CA ALA B 561 -53.83 -93.26 34.91
C ALA B 561 -53.31 -92.33 33.83
N VAL B 562 -53.87 -91.13 33.79
CA VAL B 562 -53.49 -90.11 32.81
C VAL B 562 -53.33 -88.79 33.55
N ASP B 563 -52.71 -87.83 32.88
CA ASP B 563 -52.48 -86.50 33.43
C ASP B 563 -52.75 -85.48 32.35
N ALA B 564 -53.50 -84.43 32.70
CA ALA B 564 -53.91 -83.44 31.72
C ALA B 564 -52.73 -82.63 31.18
N ASP B 565 -51.62 -82.59 31.91
CA ASP B 565 -50.45 -81.85 31.46
C ASP B 565 -49.74 -82.66 30.38
N SER B 566 -48.51 -82.25 30.03
CA SER B 566 -47.71 -82.97 29.04
C SER B 566 -46.26 -82.95 29.48
N GLY B 567 -45.53 -83.99 29.07
CA GLY B 567 -44.13 -84.11 29.42
C GLY B 567 -43.91 -84.65 30.83
N HIS B 568 -42.86 -84.16 31.50
CA HIS B 568 -42.58 -84.60 32.86
C HIS B 568 -43.70 -84.24 33.81
N ASN B 569 -44.48 -83.20 33.51
CA ASN B 569 -45.63 -82.85 34.33
C ASN B 569 -46.74 -83.89 34.22
N ALA B 570 -46.70 -84.75 33.20
CA ALA B 570 -47.63 -85.83 33.01
C ALA B 570 -46.96 -87.19 33.18
N TRP B 571 -45.69 -87.19 33.56
CA TRP B 571 -44.89 -88.41 33.73
C TRP B 571 -45.32 -89.13 34.99
N LEU B 572 -46.10 -90.20 34.83
CA LEU B 572 -46.73 -90.87 35.96
C LEU B 572 -45.87 -92.04 36.42
N SER B 573 -45.47 -92.00 37.69
CA SER B 573 -44.79 -93.11 38.33
C SER B 573 -45.64 -93.59 39.50
N TYR B 574 -45.77 -94.91 39.62
CA TYR B 574 -46.67 -95.52 40.60
C TYR B 574 -45.86 -96.10 41.75
N HIS B 575 -46.24 -95.72 42.97
CA HIS B 575 -45.58 -96.16 44.20
C HIS B 575 -46.57 -96.91 45.08
N VAL B 576 -46.06 -97.47 46.17
CA VAL B 576 -46.86 -98.21 47.14
C VAL B 576 -46.75 -97.49 48.47
N LEU B 577 -47.83 -96.80 48.87
CA LEU B 577 -47.83 -96.09 50.15
C LEU B 577 -47.80 -97.08 51.31
N GLN B 578 -48.79 -97.96 51.38
CA GLN B 578 -48.85 -98.94 52.46
C GLN B 578 -49.51 -100.22 51.95
N ALA B 579 -49.26 -101.32 52.67
CA ALA B 579 -49.77 -102.61 52.25
C ALA B 579 -49.95 -103.51 53.46
N SER B 580 -50.97 -104.36 53.40
CA SER B 580 -51.17 -105.35 54.45
C SER B 580 -50.10 -106.43 54.41
N ASP B 581 -49.52 -106.68 53.23
CA ASP B 581 -48.45 -107.66 53.10
C ASP B 581 -47.37 -107.11 52.17
N PRO B 582 -46.19 -106.78 52.70
CA PRO B 582 -45.09 -106.32 51.84
C PRO B 582 -44.38 -107.49 51.17
N GLY B 583 -44.03 -107.30 49.90
CA GLY B 583 -43.36 -108.33 49.13
C GLY B 583 -44.28 -109.31 48.43
N LEU B 584 -45.57 -109.31 48.74
CA LEU B 584 -46.50 -110.22 48.09
C LEU B 584 -46.97 -109.70 46.73
N PHE B 585 -46.99 -108.39 46.54
CA PHE B 585 -47.42 -107.77 45.30
C PHE B 585 -46.26 -107.05 44.64
N SER B 586 -46.22 -107.07 43.31
CA SER B 586 -45.19 -106.42 42.52
C SER B 586 -45.86 -105.43 41.57
N LEU B 587 -45.35 -104.20 41.55
CA LEU B 587 -45.94 -103.13 40.77
C LEU B 587 -44.99 -102.65 39.68
N GLY B 588 -45.56 -102.32 38.53
CA GLY B 588 -44.78 -101.69 37.47
C GLY B 588 -44.66 -100.20 37.71
N LEU B 589 -43.43 -99.74 37.96
CA LEU B 589 -43.21 -98.32 38.19
C LEU B 589 -43.66 -97.46 37.02
N ARG B 590 -43.59 -98.00 35.81
CA ARG B 590 -43.98 -97.28 34.60
C ARG B 590 -45.31 -97.72 34.03
N THR B 591 -45.58 -99.03 34.00
CA THR B 591 -46.82 -99.53 33.42
C THR B 591 -47.98 -99.49 34.40
N GLY B 592 -47.70 -99.69 35.69
CA GLY B 592 -48.75 -99.71 36.68
C GLY B 592 -49.45 -101.03 36.85
N GLU B 593 -48.84 -102.13 36.44
CA GLU B 593 -49.43 -103.46 36.52
C GLU B 593 -49.13 -104.06 37.89
N VAL B 594 -50.18 -104.38 38.65
CA VAL B 594 -50.04 -105.05 39.94
C VAL B 594 -50.19 -106.55 39.71
N ARG B 595 -49.13 -107.29 40.02
CA ARG B 595 -49.04 -108.74 39.84
C ARG B 595 -48.60 -109.37 41.17
N THR B 596 -48.50 -110.69 41.17
CA THR B 596 -48.00 -111.42 42.33
C THR B 596 -46.50 -111.62 42.22
N ALA B 597 -45.79 -111.38 43.32
CA ALA B 597 -44.33 -111.53 43.35
C ALA B 597 -43.90 -112.92 43.80
N ARG B 598 -44.64 -113.53 44.72
CA ARG B 598 -44.33 -114.85 45.23
C ARG B 598 -45.59 -115.71 45.23
N ALA B 599 -45.41 -117.00 45.49
CA ALA B 599 -46.54 -117.91 45.56
C ALA B 599 -47.36 -117.66 46.82
N LEU B 600 -48.65 -117.90 46.73
CA LEU B 600 -49.57 -117.64 47.84
C LEU B 600 -49.50 -118.78 48.85
N GLY B 601 -49.04 -118.48 50.06
CA GLY B 601 -49.09 -119.45 51.13
C GLY B 601 -50.44 -119.45 51.82
N ASP B 602 -50.76 -120.60 52.43
CA ASP B 602 -52.03 -120.73 53.14
C ASP B 602 -52.02 -119.95 54.45
N ARG B 603 -50.84 -119.73 55.03
CA ARG B 603 -50.73 -118.97 56.27
C ARG B 603 -51.21 -117.53 56.09
N ASP B 604 -51.02 -116.97 54.90
CA ASP B 604 -51.39 -115.58 54.65
C ASP B 604 -52.90 -115.41 54.77
N SER B 605 -53.31 -114.23 55.25
CA SER B 605 -54.72 -113.95 55.48
C SER B 605 -55.48 -113.86 54.15
N ALA B 606 -56.80 -114.05 54.24
CA ALA B 606 -57.65 -114.03 53.06
C ALA B 606 -57.90 -112.63 52.53
N ARG B 607 -57.94 -111.64 53.41
CA ARG B 607 -58.19 -110.25 53.02
C ARG B 607 -56.89 -109.49 52.93
N GLN B 608 -56.65 -108.84 51.79
CA GLN B 608 -55.44 -108.07 51.56
C GLN B 608 -55.82 -106.63 51.26
N ARG B 609 -55.17 -105.69 51.94
CA ARG B 609 -55.41 -104.27 51.75
C ARG B 609 -54.16 -103.63 51.15
N LEU B 610 -54.37 -102.72 50.20
CA LEU B 610 -53.28 -102.04 49.53
C LEU B 610 -53.65 -100.57 49.39
N LEU B 611 -52.67 -99.68 49.53
CA LEU B 611 -52.89 -98.25 49.38
C LEU B 611 -51.73 -97.69 48.59
N VAL B 612 -52.01 -97.19 47.38
CA VAL B 612 -50.98 -96.70 46.47
C VAL B 612 -51.27 -95.25 46.14
N ALA B 613 -50.28 -94.59 45.53
CA ALA B 613 -50.40 -93.20 45.12
C ALA B 613 -49.78 -93.02 43.74
N VAL B 614 -50.51 -92.36 42.86
CA VAL B 614 -50.03 -92.00 41.53
C VAL B 614 -49.38 -90.63 41.63
N ARG B 615 -48.11 -90.54 41.25
CA ARG B 615 -47.33 -89.32 41.31
C ARG B 615 -46.89 -88.92 39.91
N ASP B 616 -46.59 -87.64 39.75
CA ASP B 616 -46.03 -87.11 38.52
C ASP B 616 -44.59 -86.65 38.76
N GLY B 617 -43.84 -86.54 37.67
CA GLY B 617 -42.46 -86.11 37.74
C GLY B 617 -42.24 -84.63 37.94
N GLY B 618 -43.29 -83.86 38.17
CA GLY B 618 -43.15 -82.44 38.37
C GLY B 618 -42.52 -82.11 39.71
N GLN B 619 -42.14 -80.84 39.85
CA GLN B 619 -41.50 -80.34 41.07
C GLN B 619 -42.30 -79.17 41.62
N PRO B 620 -43.04 -79.32 42.73
CA PRO B 620 -43.17 -80.58 43.48
C PRO B 620 -44.21 -81.52 42.88
N PRO B 621 -44.08 -82.82 43.17
CA PRO B 621 -45.02 -83.80 42.60
C PRO B 621 -46.38 -83.73 43.27
N LEU B 622 -47.43 -83.91 42.46
CA LEU B 622 -48.79 -84.03 42.94
C LEU B 622 -49.19 -85.50 42.95
N SER B 623 -49.89 -85.92 43.99
CA SER B 623 -50.21 -87.32 44.19
C SER B 623 -51.72 -87.53 44.29
N ALA B 624 -52.17 -88.68 43.80
CA ALA B 624 -53.55 -89.12 43.91
C ALA B 624 -53.56 -90.51 44.55
N THR B 625 -54.20 -90.61 45.72
CA THR B 625 -54.20 -91.85 46.49
C THR B 625 -55.37 -92.75 46.11
N ALA B 626 -55.18 -94.06 46.30
CA ALA B 626 -56.20 -95.05 45.96
C ALA B 626 -56.01 -96.28 46.82
N THR B 627 -57.12 -96.92 47.19
CA THR B 627 -57.13 -98.11 48.02
C THR B 627 -57.70 -99.29 47.25
N LEU B 628 -57.03 -100.43 47.32
CA LEU B 628 -57.46 -101.67 46.67
C LEU B 628 -57.63 -102.76 47.72
N HIS B 629 -58.82 -103.36 47.76
CA HIS B 629 -59.08 -104.51 48.61
C HIS B 629 -59.15 -105.76 47.73
N LEU B 630 -58.32 -106.75 48.04
CA LEU B 630 -58.24 -107.98 47.27
C LEU B 630 -58.49 -109.18 48.18
N ILE B 631 -59.49 -109.99 47.82
CA ILE B 631 -59.92 -111.13 48.63
C ILE B 631 -59.72 -112.39 47.81
N PHE B 632 -59.22 -113.44 48.46
CA PHE B 632 -59.04 -114.74 47.81
C PHE B 632 -60.28 -115.61 47.98
#